data_4Y9A
#
_entry.id   4Y9A
#
_cell.length_a   86.069
_cell.length_b   86.069
_cell.length_c   133.949
_cell.angle_alpha   90.00
_cell.angle_beta   90.00
_cell.angle_gamma   90.00
#
_symmetry.space_group_name_H-M   'P 43'
#
loop_
_entity.id
_entity.type
_entity.pdbx_description
1 polymer 'Triosephosphate isomerase'
2 water water
#
_entity_poly.entity_id   1
_entity_poly.type   'polypeptide(L)'
_entity_poly.pdbx_seq_one_letter_code
;GSHMTTRTPLMAGNWKMNLNHLEAIAHVQKLAFALADKDYDAVEVAVLAPFTDLRSVQTLVDGDKLKIKYGAQDISAHDG
GAYTGEISGPMLAKLKCTYVAVGHSERRQYHAETDEIVNAKVKAAYKHGLTPILCVGEELDVREAGNHVEHTLAQVEGGL
KDLAAEQAESVVIAYEPVWAIGTGKVCGADDAQEVCAAIRGKLAELYSQELADKVRIQYGGSVKSGNVAEIMAKPDIDGA
LVGGASLDSDEFVKIVRFRDQ
;
_entity_poly.pdbx_strand_id   A,B,C,D
#
# COMPACT_ATOMS: atom_id res chain seq x y z
N ARG A 7 -4.20 -3.31 30.75
CA ARG A 7 -4.31 -4.11 29.53
C ARG A 7 -2.97 -4.36 28.84
N THR A 8 -2.61 -5.64 28.69
CA THR A 8 -1.44 -6.02 27.90
C THR A 8 -1.67 -5.67 26.43
N PRO A 9 -0.85 -4.78 25.87
CA PRO A 9 -1.07 -4.46 24.46
C PRO A 9 -0.86 -5.69 23.55
N LEU A 10 -1.55 -5.72 22.41
CA LEU A 10 -1.46 -6.87 21.51
C LEU A 10 -1.06 -6.42 20.11
N MET A 11 0.07 -6.93 19.64
CA MET A 11 0.50 -6.64 18.30
C MET A 11 0.31 -7.90 17.48
N ALA A 12 -0.70 -7.88 16.61
CA ALA A 12 -1.02 -9.02 15.78
C ALA A 12 -0.60 -8.70 14.36
N GLY A 13 0.31 -9.50 13.83
CA GLY A 13 0.79 -9.31 12.48
C GLY A 13 -0.09 -10.06 11.51
N ASN A 14 -0.85 -9.31 10.70
CA ASN A 14 -1.69 -9.90 9.66
C ASN A 14 -0.94 -10.01 8.34
N TRP A 15 -0.42 -11.21 8.06
CA TRP A 15 0.31 -11.46 6.83
C TRP A 15 -0.55 -11.34 5.58
N LYS A 16 -1.87 -11.50 5.74
CA LYS A 16 -2.82 -11.57 4.64
C LYS A 16 -2.44 -12.72 3.74
N MET A 17 -2.65 -12.59 2.43
CA MET A 17 -2.33 -13.72 1.56
C MET A 17 -0.86 -13.68 1.16
N ASN A 18 0.01 -13.93 2.15
CA ASN A 18 1.46 -13.90 1.94
C ASN A 18 2.22 -14.96 2.74
N LEU A 19 3.38 -15.36 2.20
CA LEU A 19 4.37 -16.29 2.79
C LEU A 19 3.92 -17.73 2.64
N ASN A 20 4.74 -18.57 1.99
CA ASN A 20 4.48 -20.02 1.93
C ASN A 20 4.95 -20.67 3.22
N HIS A 21 4.84 -21.99 3.32
CA HIS A 21 5.05 -22.62 4.62
C HIS A 21 6.49 -22.51 5.14
N LEU A 22 7.47 -22.50 4.25
CA LEU A 22 8.88 -22.39 4.68
C LEU A 22 9.29 -20.93 4.93
N GLU A 23 8.77 -20.01 4.13
CA GLU A 23 8.97 -18.59 4.36
C GLU A 23 8.34 -18.17 5.66
N ALA A 24 7.25 -18.82 6.01
CA ALA A 24 6.55 -18.48 7.23
C ALA A 24 7.42 -18.79 8.42
N ILE A 25 8.00 -19.98 8.40
CA ILE A 25 8.93 -20.48 9.43
C ILE A 25 10.15 -19.58 9.55
N ALA A 26 10.75 -19.26 8.42
CA ALA A 26 11.82 -18.31 8.39
C ALA A 26 11.37 -16.96 9.02
N HIS A 27 10.11 -16.59 8.94
CA HIS A 27 9.72 -15.27 9.39
C HIS A 27 9.83 -15.21 10.92
N VAL A 28 9.12 -16.16 11.48
CA VAL A 28 8.95 -16.38 12.88
C VAL A 28 10.32 -16.67 13.55
N GLN A 29 11.20 -17.40 12.84
CA GLN A 29 12.61 -17.53 13.24
C GLN A 29 13.34 -16.18 13.24
N LYS A 30 13.18 -15.43 12.15
CA LYS A 30 13.71 -14.08 12.07
C LYS A 30 13.17 -13.28 13.24
N LEU A 31 11.85 -13.38 13.45
CA LEU A 31 11.18 -12.62 14.50
C LEU A 31 11.74 -12.93 15.89
N ALA A 32 11.85 -14.22 16.21
CA ALA A 32 12.29 -14.65 17.54
C ALA A 32 13.77 -14.32 17.76
N PHE A 33 14.51 -14.27 16.66
CA PHE A 33 15.91 -13.92 16.71
C PHE A 33 16.09 -12.48 17.16
N ALA A 34 15.19 -11.62 16.69
CA ALA A 34 15.32 -10.18 16.94
C ALA A 34 14.68 -9.74 18.27
N LEU A 35 13.81 -10.57 18.84
CA LEU A 35 13.09 -10.24 20.08
C LEU A 35 13.70 -10.80 21.39
N ALA A 36 13.58 -10.05 22.47
CA ALA A 36 14.08 -10.46 23.79
C ALA A 36 12.94 -10.48 24.78
N ASP A 37 13.20 -11.06 25.96
CA ASP A 37 12.20 -11.22 27.02
C ASP A 37 11.46 -9.97 27.41
N LYS A 38 12.18 -8.85 27.45
CA LYS A 38 11.60 -7.56 27.79
C LYS A 38 10.56 -7.11 26.74
N ASP A 39 10.68 -7.62 25.51
CA ASP A 39 9.71 -7.34 24.46
C ASP A 39 8.36 -8.03 24.75
N TYR A 40 8.41 -9.34 25.04
CA TYR A 40 7.21 -10.11 25.35
C TYR A 40 6.59 -9.80 26.71
N ASP A 41 7.41 -9.27 27.62
CA ASP A 41 6.97 -8.99 28.99
C ASP A 41 5.95 -7.87 28.99
N ALA A 42 6.12 -6.95 28.04
CA ALA A 42 5.28 -5.78 27.99
C ALA A 42 4.20 -5.86 26.92
N VAL A 43 4.41 -6.66 25.89
CA VAL A 43 3.54 -6.64 24.73
C VAL A 43 3.28 -8.09 24.34
N GLU A 44 2.05 -8.37 23.91
CA GLU A 44 1.67 -9.67 23.37
C GLU A 44 1.96 -9.71 21.88
N VAL A 45 2.68 -10.72 21.43
CA VAL A 45 3.07 -10.78 20.03
C VAL A 45 2.37 -11.94 19.32
N ALA A 46 1.69 -11.65 18.22
CA ALA A 46 0.99 -12.69 17.46
C ALA A 46 1.14 -12.46 15.96
N VAL A 47 1.11 -13.53 15.19
CA VAL A 47 1.13 -13.45 13.74
C VAL A 47 -0.10 -14.16 13.23
N LEU A 48 -0.84 -13.52 12.33
CA LEU A 48 -2.02 -14.17 11.77
C LEU A 48 -1.65 -14.63 10.38
N ALA A 49 -1.45 -15.94 10.26
CA ALA A 49 -0.84 -16.54 9.06
C ALA A 49 -1.87 -17.30 8.22
N PRO A 50 -1.60 -17.42 6.90
CA PRO A 50 -2.46 -18.23 6.04
C PRO A 50 -2.64 -19.64 6.57
N PHE A 51 -3.83 -20.20 6.39
CA PHE A 51 -4.17 -21.53 6.86
C PHE A 51 -3.07 -22.54 6.62
N THR A 52 -2.53 -22.49 5.41
CA THR A 52 -1.56 -23.47 4.96
C THR A 52 -0.22 -23.34 5.71
N ASP A 53 -0.03 -22.23 6.42
CA ASP A 53 1.23 -22.00 7.12
C ASP A 53 1.14 -22.43 8.58
N LEU A 54 -0.08 -22.75 9.03
CA LEU A 54 -0.34 -22.84 10.46
C LEU A 54 0.32 -24.05 11.14
N ARG A 55 0.35 -25.19 10.46
CA ARG A 55 1.02 -26.36 11.04
C ARG A 55 2.52 -26.09 11.16
N SER A 56 3.09 -25.48 10.13
CA SER A 56 4.50 -25.18 10.16
C SER A 56 4.85 -24.22 11.30
N VAL A 57 4.01 -23.22 11.53
CA VAL A 57 4.27 -22.27 12.59
C VAL A 57 4.09 -22.97 13.94
N GLN A 58 3.09 -23.82 14.05
CA GLN A 58 2.86 -24.51 15.30
C GLN A 58 4.06 -25.34 15.73
N THR A 59 4.59 -26.14 14.79
CA THR A 59 5.69 -27.03 15.12
C THR A 59 6.92 -26.23 15.49
N LEU A 60 7.12 -25.11 14.82
CA LEU A 60 8.22 -24.23 15.16
C LEU A 60 8.03 -23.64 16.55
N VAL A 61 6.83 -23.15 16.83
CA VAL A 61 6.57 -22.52 18.12
C VAL A 61 6.55 -23.56 19.23
N ASP A 62 5.94 -24.72 18.98
CA ASP A 62 5.97 -25.81 19.97
C ASP A 62 7.38 -26.39 20.11
N GLY A 63 8.12 -26.40 19.01
CA GLY A 63 9.46 -26.94 19.08
C GLY A 63 10.38 -26.07 19.92
N ASP A 64 10.57 -24.82 19.51
CA ASP A 64 11.53 -23.93 20.16
C ASP A 64 11.00 -23.15 21.36
N LYS A 65 9.85 -23.56 21.86
CA LYS A 65 9.21 -22.90 22.98
C LYS A 65 9.21 -21.36 22.80
N LEU A 66 8.62 -20.89 21.70
CA LEU A 66 8.55 -19.45 21.43
C LEU A 66 7.44 -18.78 22.21
N LYS A 67 7.60 -17.49 22.45
CA LYS A 67 6.63 -16.72 23.22
C LYS A 67 5.66 -16.00 22.31
N ILE A 68 5.95 -16.09 21.02
CA ILE A 68 5.15 -15.49 19.97
C ILE A 68 3.92 -16.35 19.71
N LYS A 69 2.74 -15.73 19.66
CA LYS A 69 1.50 -16.44 19.37
C LYS A 69 1.15 -16.42 17.87
N TYR A 70 0.29 -17.32 17.43
CA TYR A 70 -0.13 -17.32 16.03
C TYR A 70 -1.64 -17.57 15.96
N GLY A 71 -2.22 -17.28 14.80
CA GLY A 71 -3.66 -17.29 14.62
C GLY A 71 -4.08 -17.30 13.15
N ALA A 72 -5.38 -17.40 12.92
CA ALA A 72 -5.90 -17.47 11.58
C ALA A 72 -6.50 -16.15 11.12
N GLN A 73 -6.74 -16.04 9.81
CA GLN A 73 -7.22 -14.81 9.19
C GLN A 73 -8.71 -14.94 8.90
N ASP A 74 -9.28 -16.06 9.31
CA ASP A 74 -10.68 -16.39 9.05
C ASP A 74 -11.08 -17.68 9.80
N ILE A 75 -12.38 -17.89 9.98
CA ILE A 75 -12.90 -19.11 10.57
C ILE A 75 -14.28 -19.29 9.99
N SER A 76 -14.66 -20.54 9.74
CA SER A 76 -16.02 -20.86 9.32
C SER A 76 -16.99 -20.81 10.50
N ALA A 77 -18.17 -20.28 10.27
CA ALA A 77 -19.20 -20.24 11.29
C ALA A 77 -19.64 -21.62 11.76
N HIS A 78 -19.33 -22.65 10.97
CA HIS A 78 -19.80 -24.01 11.26
C HIS A 78 -18.70 -24.84 11.91
N ASP A 79 -19.13 -25.88 12.62
CA ASP A 79 -18.19 -26.72 13.38
C ASP A 79 -17.58 -27.80 12.52
N GLY A 80 -18.17 -28.01 11.37
CA GLY A 80 -17.73 -29.07 10.49
C GLY A 80 -18.85 -29.32 9.52
N GLY A 81 -18.51 -29.99 8.43
CA GLY A 81 -19.50 -30.44 7.48
C GLY A 81 -19.29 -30.07 6.03
N ALA A 82 -20.39 -30.08 5.30
CA ALA A 82 -20.32 -30.00 3.85
C ALA A 82 -20.15 -28.55 3.41
N TYR A 83 -18.98 -28.01 3.72
CA TYR A 83 -18.68 -26.59 3.50
C TYR A 83 -17.33 -26.51 2.82
N THR A 84 -17.32 -26.83 1.53
CA THR A 84 -16.09 -26.97 0.76
C THR A 84 -15.23 -25.71 0.78
N GLY A 85 -13.96 -25.89 1.14
CA GLY A 85 -13.01 -24.80 1.13
C GLY A 85 -12.90 -24.02 2.42
N GLU A 86 -13.86 -24.21 3.34
CA GLU A 86 -13.86 -23.43 4.57
C GLU A 86 -13.09 -24.18 5.66
N ILE A 87 -12.60 -23.43 6.65
CA ILE A 87 -11.79 -23.99 7.75
C ILE A 87 -12.49 -23.78 9.13
N SER A 88 -12.53 -24.84 9.92
CA SER A 88 -13.33 -24.85 11.15
C SER A 88 -12.54 -24.54 12.42
N GLY A 89 -13.24 -24.14 13.48
CA GLY A 89 -12.66 -24.03 14.80
C GLY A 89 -11.88 -25.26 15.29
N PRO A 90 -12.49 -26.46 15.27
CA PRO A 90 -11.74 -27.65 15.66
C PRO A 90 -10.40 -27.78 14.94
N MET A 91 -10.36 -27.45 13.66
CA MET A 91 -9.12 -27.53 12.91
C MET A 91 -8.08 -26.55 13.44
N LEU A 92 -8.51 -25.31 13.62
CA LEU A 92 -7.66 -24.24 14.13
C LEU A 92 -7.28 -24.50 15.57
N ALA A 93 -8.21 -25.12 16.28
CA ALA A 93 -8.01 -25.48 17.68
C ALA A 93 -6.92 -26.54 17.84
N LYS A 94 -6.90 -27.54 16.95
CA LYS A 94 -5.88 -28.59 16.98
C LYS A 94 -4.49 -28.05 16.67
N LEU A 95 -4.43 -27.02 15.83
CA LEU A 95 -3.15 -26.41 15.52
C LEU A 95 -2.71 -25.49 16.65
N LYS A 96 -3.48 -25.47 17.73
CA LYS A 96 -3.21 -24.62 18.89
C LYS A 96 -3.11 -23.13 18.54
N CYS A 97 -3.91 -22.66 17.58
CA CYS A 97 -4.02 -21.21 17.36
C CYS A 97 -4.51 -20.48 18.61
N THR A 98 -4.13 -19.22 18.78
CA THR A 98 -4.70 -18.39 19.84
C THR A 98 -5.83 -17.49 19.33
N TYR A 99 -5.58 -16.82 18.20
CA TYR A 99 -6.48 -15.80 17.65
C TYR A 99 -7.07 -16.15 16.32
N VAL A 100 -8.12 -15.45 15.96
CA VAL A 100 -8.64 -15.49 14.61
C VAL A 100 -9.33 -14.19 14.28
N ALA A 101 -8.87 -13.54 13.21
CA ALA A 101 -9.50 -12.33 12.73
C ALA A 101 -10.86 -12.68 12.16
N VAL A 102 -11.87 -11.86 12.45
CA VAL A 102 -13.20 -12.09 11.87
C VAL A 102 -13.77 -10.77 11.33
N GLY A 103 -14.33 -10.81 10.13
CA GLY A 103 -14.95 -9.63 9.56
C GLY A 103 -13.99 -8.56 9.10
N HIS A 104 -12.78 -8.97 8.73
CA HIS A 104 -11.80 -8.03 8.18
C HIS A 104 -12.44 -7.33 7.00
N SER A 105 -12.09 -6.08 6.79
CA SER A 105 -12.74 -5.28 5.76
C SER A 105 -12.61 -5.96 4.38
N GLU A 106 -11.53 -6.72 4.21
CA GLU A 106 -11.31 -7.35 2.92
C GLU A 106 -12.35 -8.44 2.67
N ARG A 107 -12.74 -9.15 3.73
CA ARG A 107 -13.69 -10.25 3.56
C ARG A 107 -15.10 -9.67 3.50
N ARG A 108 -15.31 -8.58 4.22
CA ARG A 108 -16.57 -7.86 4.12
C ARG A 108 -16.75 -7.31 2.69
N GLN A 109 -15.66 -6.88 2.06
CA GLN A 109 -15.75 -6.33 0.71
CA GLN A 109 -15.73 -6.33 0.71
C GLN A 109 -15.78 -7.44 -0.34
N TYR A 110 -14.79 -8.33 -0.33
CA TYR A 110 -14.71 -9.39 -1.33
C TYR A 110 -15.58 -10.64 -1.06
N HIS A 111 -16.00 -10.89 0.16
CA HIS A 111 -16.69 -12.14 0.41
C HIS A 111 -18.03 -11.95 1.07
N ALA A 112 -18.60 -10.76 0.90
CA ALA A 112 -19.97 -10.46 1.34
C ALA A 112 -20.25 -10.94 2.75
N GLU A 113 -19.26 -10.79 3.62
CA GLU A 113 -19.45 -11.10 5.04
C GLU A 113 -20.24 -9.95 5.68
N THR A 114 -21.35 -10.33 6.32
CA THR A 114 -22.26 -9.39 6.94
C THR A 114 -22.06 -9.42 8.45
N ASP A 115 -22.61 -8.44 9.14
CA ASP A 115 -22.60 -8.45 10.58
C ASP A 115 -23.19 -9.73 11.11
N GLU A 116 -24.15 -10.30 10.37
CA GLU A 116 -24.77 -11.54 10.77
C GLU A 116 -23.82 -12.73 10.60
N ILE A 117 -23.13 -12.79 9.47
CA ILE A 117 -22.09 -13.79 9.23
C ILE A 117 -20.89 -13.62 10.18
N VAL A 118 -20.49 -12.37 10.37
CA VAL A 118 -19.43 -12.06 11.31
C VAL A 118 -19.78 -12.47 12.74
N ASN A 119 -21.02 -12.22 13.19
CA ASN A 119 -21.46 -12.63 14.52
C ASN A 119 -21.36 -14.13 14.74
N ALA A 120 -21.62 -14.89 13.69
CA ALA A 120 -21.55 -16.36 13.72
C ALA A 120 -20.11 -16.89 13.84
N LYS A 121 -19.17 -16.18 13.23
CA LYS A 121 -17.78 -16.58 13.31
C LYS A 121 -17.24 -16.30 14.71
N VAL A 122 -17.65 -15.17 15.28
CA VAL A 122 -17.29 -14.80 16.64
C VAL A 122 -17.71 -15.87 17.67
N LYS A 123 -18.96 -16.32 17.59
CA LYS A 123 -19.45 -17.42 18.43
C LYS A 123 -18.72 -18.74 18.20
N ALA A 124 -18.49 -19.07 16.94
CA ALA A 124 -17.75 -20.27 16.59
C ALA A 124 -16.35 -20.23 17.17
N ALA A 125 -15.72 -19.06 17.07
CA ALA A 125 -14.38 -18.82 17.61
C ALA A 125 -14.36 -19.19 19.09
N TYR A 126 -15.31 -18.64 19.83
CA TYR A 126 -15.42 -18.94 21.26
C TYR A 126 -15.80 -20.39 21.57
N LYS A 127 -16.67 -20.96 20.76
CA LYS A 127 -17.10 -22.34 20.99
C LYS A 127 -15.89 -23.27 21.07
N HIS A 128 -14.82 -22.91 20.36
CA HIS A 128 -13.66 -23.78 20.25
C HIS A 128 -12.36 -23.26 20.88
N GLY A 129 -12.47 -22.29 21.79
CA GLY A 129 -11.32 -21.94 22.61
C GLY A 129 -10.32 -21.04 21.90
N LEU A 130 -10.78 -20.43 20.82
CA LEU A 130 -10.04 -19.40 20.10
C LEU A 130 -10.52 -18.03 20.56
N THR A 131 -9.68 -17.02 20.37
CA THR A 131 -10.02 -15.65 20.71
C THR A 131 -10.27 -14.85 19.43
N PRO A 132 -11.51 -14.39 19.23
CA PRO A 132 -11.66 -13.63 17.99
C PRO A 132 -11.06 -12.24 18.05
N ILE A 133 -10.54 -11.79 16.91
CA ILE A 133 -10.24 -10.39 16.71
C ILE A 133 -11.30 -9.87 15.74
N LEU A 134 -12.30 -9.17 16.30
CA LEU A 134 -13.44 -8.66 15.53
C LEU A 134 -13.05 -7.37 14.86
N CYS A 135 -12.95 -7.39 13.53
CA CYS A 135 -12.56 -6.20 12.78
C CYS A 135 -13.78 -5.38 12.41
N VAL A 136 -13.76 -4.10 12.73
CA VAL A 136 -14.89 -3.23 12.39
C VAL A 136 -14.35 -1.95 11.71
N GLY A 137 -15.24 -1.13 11.13
CA GLY A 137 -14.80 0.06 10.40
C GLY A 137 -15.72 0.52 9.27
N GLU A 138 -15.57 1.78 8.88
CA GLU A 138 -16.43 2.37 7.85
C GLU A 138 -15.69 2.71 6.55
N GLU A 139 -16.39 2.67 5.42
CA GLU A 139 -15.76 3.05 4.15
C GLU A 139 -15.85 4.56 4.01
N LEU A 140 -15.63 5.04 2.79
CA LEU A 140 -15.47 6.47 2.56
C LEU A 140 -16.76 7.26 2.79
N ASP A 141 -17.85 6.81 2.19
CA ASP A 141 -19.13 7.52 2.27
C ASP A 141 -19.63 7.75 3.71
N VAL A 142 -19.46 6.76 4.58
CA VAL A 142 -19.89 6.89 5.96
C VAL A 142 -19.02 7.91 6.68
N ARG A 143 -17.74 7.97 6.31
CA ARG A 143 -16.85 8.94 6.92
C ARG A 143 -17.16 10.35 6.44
N GLU A 144 -17.47 10.51 5.15
CA GLU A 144 -17.82 11.81 4.63
C GLU A 144 -19.19 12.28 5.14
N ALA A 145 -20.07 11.32 5.41
CA ALA A 145 -21.37 11.65 5.99
C ALA A 145 -21.22 12.01 7.47
N GLY A 146 -20.03 11.78 8.02
CA GLY A 146 -19.75 12.09 9.41
C GLY A 146 -20.41 11.11 10.35
N ASN A 147 -20.75 9.93 9.83
CA ASN A 147 -21.45 8.90 10.61
C ASN A 147 -20.59 7.70 10.97
N HIS A 148 -19.29 7.80 10.70
CA HIS A 148 -18.36 6.70 10.94
C HIS A 148 -18.52 6.01 12.29
N VAL A 149 -18.57 6.79 13.35
CA VAL A 149 -18.73 6.27 14.70
C VAL A 149 -20.05 5.50 14.82
N GLU A 150 -21.09 6.02 14.17
CA GLU A 150 -22.43 5.44 14.29
C GLU A 150 -22.39 4.03 13.67
N HIS A 151 -21.77 3.97 12.49
CA HIS A 151 -21.65 2.75 11.68
C HIS A 151 -20.73 1.68 12.28
N THR A 152 -19.54 2.11 12.67
CA THR A 152 -18.57 1.27 13.34
C THR A 152 -19.14 0.66 14.60
N LEU A 153 -19.93 1.45 15.33
CA LEU A 153 -20.48 0.99 16.60
C LEU A 153 -21.61 -0.02 16.38
N ALA A 154 -22.37 0.19 15.31
CA ALA A 154 -23.40 -0.77 14.92
C ALA A 154 -22.73 -2.06 14.54
N GLN A 155 -21.58 -1.94 13.88
CA GLN A 155 -20.78 -3.10 13.52
C GLN A 155 -20.32 -3.88 14.75
N VAL A 156 -19.91 -3.17 15.80
CA VAL A 156 -19.50 -3.82 17.04
C VAL A 156 -20.64 -4.52 17.78
N GLU A 157 -21.79 -3.86 17.88
CA GLU A 157 -22.95 -4.44 18.54
C GLU A 157 -23.51 -5.66 17.81
N GLY A 158 -23.63 -5.55 16.49
CA GLY A 158 -24.05 -6.67 15.64
C GLY A 158 -23.16 -7.87 15.75
N GLY A 159 -21.85 -7.62 15.72
CA GLY A 159 -20.84 -8.66 15.84
C GLY A 159 -20.90 -9.40 17.16
N LEU A 160 -21.28 -8.69 18.23
CA LEU A 160 -21.18 -9.28 19.57
C LEU A 160 -22.50 -9.78 20.13
N LYS A 161 -23.51 -9.87 19.28
CA LYS A 161 -24.85 -10.26 19.73
C LYS A 161 -24.89 -11.66 20.36
N ASP A 162 -25.60 -11.78 21.49
CA ASP A 162 -25.78 -13.04 22.22
C ASP A 162 -24.48 -13.65 22.76
N LEU A 163 -23.44 -12.84 22.80
CA LEU A 163 -22.20 -13.26 23.43
C LEU A 163 -22.22 -12.84 24.88
N ALA A 164 -22.18 -13.82 25.77
CA ALA A 164 -22.20 -13.56 27.21
C ALA A 164 -20.92 -12.91 27.68
N ALA A 165 -20.99 -12.21 28.81
CA ALA A 165 -19.87 -11.45 29.34
C ALA A 165 -18.64 -12.31 29.62
N GLU A 166 -18.83 -13.56 29.99
CA GLU A 166 -17.65 -14.36 30.26
C GLU A 166 -16.88 -14.68 28.98
N GLN A 167 -17.53 -14.66 27.83
CA GLN A 167 -16.79 -14.70 26.56
C GLN A 167 -16.30 -13.31 26.13
N ALA A 168 -17.22 -12.35 26.00
CA ALA A 168 -16.81 -11.05 25.45
C ALA A 168 -15.66 -10.39 26.23
N GLU A 169 -15.50 -10.71 27.50
CA GLU A 169 -14.48 -10.02 28.30
C GLU A 169 -13.06 -10.25 27.77
N SER A 170 -12.85 -11.30 26.98
CA SER A 170 -11.52 -11.59 26.42
C SER A 170 -11.41 -11.22 24.93
N VAL A 171 -12.48 -10.68 24.36
CA VAL A 171 -12.53 -10.36 22.93
C VAL A 171 -11.57 -9.21 22.59
N VAL A 172 -11.10 -9.18 21.35
CA VAL A 172 -10.30 -8.07 20.83
C VAL A 172 -11.03 -7.39 19.67
N ILE A 173 -11.07 -6.06 19.68
CA ILE A 173 -11.69 -5.31 18.61
C ILE A 173 -10.63 -4.58 17.81
N ALA A 174 -10.69 -4.65 16.48
CA ALA A 174 -9.76 -3.89 15.64
C ALA A 174 -10.51 -2.90 14.75
N TYR A 175 -10.20 -1.61 14.85
CA TYR A 175 -10.83 -0.59 14.01
C TYR A 175 -10.05 -0.35 12.74
N GLU A 176 -10.71 -0.58 11.60
CA GLU A 176 -10.12 -0.34 10.28
C GLU A 176 -10.68 0.92 9.63
N PRO A 177 -9.86 1.99 9.51
CA PRO A 177 -10.32 3.17 8.76
C PRO A 177 -10.28 2.96 7.22
N VAL A 178 -11.32 2.29 6.72
CA VAL A 178 -11.38 1.87 5.32
C VAL A 178 -11.44 3.07 4.37
N TRP A 179 -11.89 4.21 4.89
CA TRP A 179 -11.93 5.49 4.17
C TRP A 179 -10.53 6.05 3.89
N ALA A 180 -9.51 5.44 4.51
CA ALA A 180 -8.15 5.95 4.38
C ALA A 180 -7.15 4.95 3.78
N ILE A 181 -7.65 3.97 3.04
CA ILE A 181 -6.81 3.07 2.20
C ILE A 181 -7.10 3.35 0.76
N GLY A 182 -6.19 4.00 0.06
CA GLY A 182 -6.42 4.24 -1.35
C GLY A 182 -7.23 5.44 -1.80
N THR A 183 -7.31 6.43 -0.92
CA THR A 183 -8.18 7.56 -1.10
C THR A 183 -7.25 8.78 -1.10
N GLY A 184 -6.08 8.59 -0.51
CA GLY A 184 -5.10 9.64 -0.34
C GLY A 184 -5.31 10.32 1.00
N LYS A 185 -6.43 9.95 1.64
CA LYS A 185 -6.79 10.51 2.94
C LYS A 185 -6.11 9.74 4.08
N VAL A 186 -5.65 10.51 5.07
CA VAL A 186 -4.89 9.98 6.19
C VAL A 186 -5.79 9.87 7.43
N CYS A 187 -5.64 8.77 8.17
CA CYS A 187 -6.29 8.64 9.47
C CYS A 187 -5.30 8.92 10.61
N GLY A 188 -5.43 10.08 11.25
CA GLY A 188 -4.53 10.45 12.33
C GLY A 188 -4.80 9.67 13.60
N ALA A 189 -3.85 9.70 14.54
CA ALA A 189 -4.05 9.07 15.83
C ALA A 189 -5.20 9.72 16.58
N ASP A 190 -5.37 11.02 16.33
CA ASP A 190 -6.49 11.79 16.85
C ASP A 190 -7.83 11.23 16.37
N ASP A 191 -7.91 10.91 15.09
CA ASP A 191 -9.11 10.33 14.49
C ASP A 191 -9.43 8.94 15.05
N ALA A 192 -8.40 8.09 15.17
CA ALA A 192 -8.57 6.72 15.66
C ALA A 192 -8.87 6.61 17.15
N GLN A 193 -8.23 7.46 17.96
CA GLN A 193 -8.47 7.45 19.40
C GLN A 193 -9.93 7.67 19.70
N GLU A 194 -10.56 8.57 18.93
CA GLU A 194 -11.95 8.93 19.12
C GLU A 194 -12.84 7.71 18.99
N VAL A 195 -12.61 6.95 17.93
CA VAL A 195 -13.41 5.76 17.68
C VAL A 195 -13.17 4.67 18.72
N CYS A 196 -11.91 4.38 19.03
CA CYS A 196 -11.59 3.32 19.97
C CYS A 196 -12.16 3.68 21.33
N ALA A 197 -12.33 4.98 21.54
CA ALA A 197 -12.98 5.49 22.73
C ALA A 197 -14.47 5.17 22.68
N ALA A 198 -15.12 5.56 21.57
CA ALA A 198 -16.53 5.26 21.35
C ALA A 198 -16.78 3.77 21.53
N ILE A 199 -15.90 2.96 20.95
CA ILE A 199 -16.02 1.52 21.01
C ILE A 199 -16.04 1.01 22.42
N ARG A 200 -15.12 1.50 23.25
CA ARG A 200 -15.07 1.07 24.66
C ARG A 200 -16.34 1.52 25.43
N GLY A 201 -16.86 2.69 25.05
CA GLY A 201 -18.11 3.19 25.59
C GLY A 201 -19.30 2.34 25.21
N LYS A 202 -19.32 1.86 23.97
CA LYS A 202 -20.36 0.91 23.56
C LYS A 202 -20.24 -0.42 24.27
N LEU A 203 -19.02 -0.92 24.45
CA LEU A 203 -18.84 -2.17 25.17
C LEU A 203 -19.38 -2.05 26.61
N ALA A 204 -19.17 -0.88 27.21
CA ALA A 204 -19.63 -0.63 28.56
C ALA A 204 -21.16 -0.75 28.66
N GLU A 205 -21.88 -0.15 27.70
CA GLU A 205 -23.34 -0.25 27.67
C GLU A 205 -23.82 -1.71 27.57
N LEU A 206 -23.27 -2.42 26.60
CA LEU A 206 -23.67 -3.79 26.29
C LEU A 206 -23.36 -4.74 27.42
N TYR A 207 -22.33 -4.39 28.19
CA TYR A 207 -21.93 -5.22 29.32
C TYR A 207 -21.77 -4.35 30.56
N SER A 208 -20.54 -3.92 30.83
CA SER A 208 -20.20 -3.10 31.99
C SER A 208 -18.91 -2.36 31.74
N GLN A 209 -18.70 -1.27 32.46
CA GLN A 209 -17.45 -0.52 32.32
C GLN A 209 -16.27 -1.35 32.77
N GLU A 210 -16.52 -2.18 33.77
CA GLU A 210 -15.52 -3.07 34.31
C GLU A 210 -15.05 -4.08 33.26
N LEU A 211 -15.99 -4.51 32.43
CA LEU A 211 -15.69 -5.44 31.35
C LEU A 211 -15.02 -4.69 30.23
N ALA A 212 -15.63 -3.56 29.89
CA ALA A 212 -15.19 -2.72 28.79
C ALA A 212 -13.74 -2.28 28.98
N ASP A 213 -13.30 -2.25 30.23
CA ASP A 213 -11.94 -1.82 30.55
C ASP A 213 -10.96 -2.98 30.41
N LYS A 214 -11.48 -4.19 30.20
CA LYS A 214 -10.59 -5.35 30.00
C LYS A 214 -10.37 -5.74 28.53
N VAL A 215 -11.20 -5.19 27.65
CA VAL A 215 -11.17 -5.53 26.24
C VAL A 215 -10.11 -4.71 25.49
N ARG A 216 -9.18 -5.39 24.82
CA ARG A 216 -8.22 -4.65 24.02
C ARG A 216 -8.76 -4.25 22.67
N ILE A 217 -8.65 -2.96 22.39
CA ILE A 217 -9.09 -2.41 21.11
C ILE A 217 -7.88 -1.97 20.30
N GLN A 218 -7.68 -2.62 19.15
CA GLN A 218 -6.55 -2.36 18.27
C GLN A 218 -6.84 -1.29 17.22
N TYR A 219 -5.80 -0.69 16.67
CA TYR A 219 -5.97 0.14 15.47
C TYR A 219 -5.64 -0.75 14.28
N GLY A 220 -6.47 -0.74 13.26
CA GLY A 220 -6.25 -1.61 12.11
C GLY A 220 -5.95 -0.86 10.83
N GLY A 221 -5.69 0.44 10.93
CA GLY A 221 -5.28 1.22 9.79
C GLY A 221 -3.84 0.95 9.41
N SER A 222 -3.30 1.82 8.57
CA SER A 222 -1.89 1.77 8.18
C SER A 222 -0.97 2.06 9.37
N VAL A 223 -0.23 1.04 9.81
CA VAL A 223 0.66 1.22 10.95
C VAL A 223 2.12 0.99 10.54
N LYS A 224 2.95 2.01 10.71
CA LYS A 224 4.38 1.92 10.40
C LYS A 224 5.23 2.20 11.62
N SER A 225 6.52 1.91 11.49
CA SER A 225 7.48 2.22 12.53
C SER A 225 7.42 3.69 12.85
N GLY A 226 7.20 4.51 11.82
CA GLY A 226 7.12 5.93 12.00
C GLY A 226 5.96 6.41 12.86
N ASN A 227 4.77 5.84 12.65
CA ASN A 227 3.58 6.31 13.37
C ASN A 227 3.22 5.56 14.66
N VAL A 228 3.80 4.37 14.89
CA VAL A 228 3.33 3.45 15.94
C VAL A 228 3.32 4.02 17.37
N ALA A 229 4.24 4.92 17.68
CA ALA A 229 4.36 5.48 19.03
C ALA A 229 3.16 6.37 19.36
N GLU A 230 2.88 7.30 18.44
CA GLU A 230 1.82 8.29 18.56
C GLU A 230 0.46 7.67 18.71
N ILE A 231 0.26 6.64 17.91
CA ILE A 231 -0.94 5.86 17.93
C ILE A 231 -1.15 5.18 19.27
N MET A 232 -0.13 4.47 19.75
CA MET A 232 -0.24 3.70 20.99
C MET A 232 -0.35 4.56 22.25
N ALA A 233 0.15 5.79 22.17
CA ALA A 233 0.15 6.72 23.28
C ALA A 233 -1.24 7.28 23.53
N LYS A 234 -2.14 6.96 22.62
CA LYS A 234 -3.56 7.21 22.80
C LYS A 234 -4.16 6.26 23.86
N PRO A 235 -4.94 6.83 24.78
CA PRO A 235 -5.38 6.16 26.00
C PRO A 235 -6.28 4.94 25.77
N ASP A 236 -6.93 4.85 24.62
CA ASP A 236 -7.83 3.74 24.37
C ASP A 236 -7.42 2.81 23.23
N ILE A 237 -6.23 3.02 22.67
CA ILE A 237 -5.66 2.07 21.73
C ILE A 237 -4.68 1.14 22.44
N ASP A 238 -4.96 -0.16 22.36
CA ASP A 238 -4.21 -1.17 23.10
C ASP A 238 -3.44 -2.12 22.21
N GLY A 239 -3.09 -1.70 21.01
CA GLY A 239 -2.38 -2.58 20.11
C GLY A 239 -2.69 -2.26 18.67
N ALA A 240 -2.14 -3.06 17.77
CA ALA A 240 -2.29 -2.76 16.35
C ALA A 240 -2.47 -4.03 15.55
N LEU A 241 -3.42 -4.01 14.63
CA LEU A 241 -3.55 -5.10 13.69
C LEU A 241 -2.77 -4.64 12.49
N VAL A 242 -1.51 -5.10 12.41
CA VAL A 242 -0.53 -4.58 11.46
C VAL A 242 -0.68 -5.27 10.12
N GLY A 243 -0.69 -4.49 9.05
CA GLY A 243 -0.76 -5.03 7.70
C GLY A 243 0.59 -5.38 7.11
N GLY A 244 0.91 -4.73 5.99
CA GLY A 244 2.09 -5.05 5.21
C GLY A 244 3.36 -5.05 6.02
N ALA A 245 3.45 -4.16 7.00
CA ALA A 245 4.67 -4.03 7.79
C ALA A 245 4.87 -5.26 8.66
N SER A 246 3.81 -6.07 8.81
CA SER A 246 3.93 -7.30 9.61
C SER A 246 4.77 -8.33 8.91
N LEU A 247 4.90 -8.15 7.59
CA LEU A 247 5.73 -8.99 6.72
C LEU A 247 7.19 -8.62 6.78
N ASP A 248 7.44 -7.43 7.32
CA ASP A 248 8.79 -6.90 7.45
C ASP A 248 9.26 -7.12 8.88
N SER A 249 10.20 -8.03 9.07
CA SER A 249 10.61 -8.41 10.41
C SER A 249 11.07 -7.19 11.20
N ASP A 250 11.96 -6.40 10.63
CA ASP A 250 12.50 -5.23 11.34
C ASP A 250 11.43 -4.22 11.72
N GLU A 251 10.56 -3.90 10.78
CA GLU A 251 9.58 -2.86 11.04
C GLU A 251 8.50 -3.37 11.99
N PHE A 252 8.24 -4.67 11.98
CA PHE A 252 7.34 -5.29 12.95
C PHE A 252 7.98 -5.30 14.34
N VAL A 253 9.27 -5.64 14.43
CA VAL A 253 9.99 -5.58 15.70
C VAL A 253 10.01 -4.16 16.27
N LYS A 254 10.21 -3.15 15.43
CA LYS A 254 10.08 -1.78 15.93
C LYS A 254 8.66 -1.53 16.49
N ILE A 255 7.63 -1.98 15.79
CA ILE A 255 6.24 -1.72 16.22
C ILE A 255 5.97 -2.35 17.58
N VAL A 256 6.41 -3.59 17.76
CA VAL A 256 6.31 -4.27 19.05
C VAL A 256 7.06 -3.47 20.12
N ARG A 257 8.12 -2.78 19.69
CA ARG A 257 8.84 -1.87 20.56
C ARG A 257 8.44 -0.43 20.27
N PHE A 258 7.15 -0.16 20.37
CA PHE A 258 6.66 1.15 19.99
C PHE A 258 7.15 2.27 20.89
N ARG A 259 7.62 1.92 22.09
CA ARG A 259 8.13 2.91 23.04
C ARG A 259 9.45 3.58 22.59
N ASP A 260 9.98 3.12 21.45
CA ASP A 260 11.33 3.52 21.02
C ASP A 260 11.30 3.90 19.54
N THR B 6 -6.80 -44.30 -24.20
CA THR B 6 -7.93 -43.64 -23.54
C THR B 6 -7.50 -43.00 -22.20
N ARG B 7 -8.45 -42.36 -21.53
CA ARG B 7 -8.22 -41.49 -20.39
C ARG B 7 -8.09 -42.22 -19.09
N THR B 8 -7.02 -41.97 -18.35
CA THR B 8 -6.89 -42.48 -16.99
C THR B 8 -7.95 -41.87 -16.07
N PRO B 9 -8.83 -42.70 -15.51
CA PRO B 9 -9.86 -42.13 -14.63
C PRO B 9 -9.24 -41.51 -13.38
N LEU B 10 -9.92 -40.50 -12.83
CA LEU B 10 -9.44 -39.79 -11.65
C LEU B 10 -10.50 -39.83 -10.56
N MET B 11 -10.12 -40.42 -9.44
CA MET B 11 -10.99 -40.48 -8.27
C MET B 11 -10.46 -39.49 -7.26
N ALA B 12 -11.22 -38.39 -7.06
CA ALA B 12 -10.83 -37.37 -6.08
C ALA B 12 -11.78 -37.35 -4.89
N GLY B 13 -11.22 -37.60 -3.72
CA GLY B 13 -11.98 -37.55 -2.49
C GLY B 13 -11.99 -36.15 -1.90
N ASN B 14 -13.16 -35.51 -1.94
CA ASN B 14 -13.34 -34.18 -1.35
C ASN B 14 -13.84 -34.28 0.10
N TRP B 15 -12.91 -34.07 1.02
CA TRP B 15 -13.17 -34.15 2.46
C TRP B 15 -14.10 -33.07 2.98
N LYS B 16 -14.15 -31.96 2.26
CA LYS B 16 -14.84 -30.72 2.67
C LYS B 16 -14.28 -30.22 3.99
N MET B 17 -15.14 -29.64 4.83
CA MET B 17 -14.63 -29.12 6.09
C MET B 17 -14.60 -30.23 7.15
N ASN B 18 -13.73 -31.22 6.95
CA ASN B 18 -13.58 -32.31 7.92
C ASN B 18 -12.13 -32.70 8.05
N LEU B 19 -11.79 -33.23 9.23
CA LEU B 19 -10.48 -33.80 9.56
C LEU B 19 -9.48 -32.73 9.97
N ASN B 20 -8.95 -32.82 11.19
CA ASN B 20 -7.86 -31.95 11.56
C ASN B 20 -6.58 -32.55 11.01
N HIS B 21 -5.43 -31.92 11.25
CA HIS B 21 -4.22 -32.34 10.59
C HIS B 21 -3.74 -33.71 11.09
N LEU B 22 -4.15 -34.12 12.28
CA LEU B 22 -3.73 -35.43 12.76
C LEU B 22 -4.56 -36.55 12.12
N GLU B 23 -5.86 -36.26 12.03
CA GLU B 23 -6.85 -37.12 11.38
C GLU B 23 -6.63 -37.25 9.88
N ALA B 24 -6.09 -36.18 9.31
CA ALA B 24 -5.75 -36.13 7.90
C ALA B 24 -4.61 -37.10 7.66
N ILE B 25 -3.63 -37.03 8.54
CA ILE B 25 -2.48 -37.90 8.49
C ILE B 25 -2.89 -39.35 8.60
N ALA B 26 -3.69 -39.66 9.63
CA ALA B 26 -4.21 -41.01 9.85
C ALA B 26 -5.00 -41.54 8.67
N HIS B 27 -5.88 -40.71 8.13
CA HIS B 27 -6.81 -41.16 7.10
C HIS B 27 -6.06 -41.52 5.82
N VAL B 28 -5.10 -40.68 5.44
CA VAL B 28 -4.23 -40.94 4.28
C VAL B 28 -3.32 -42.16 4.46
N GLN B 29 -2.84 -42.39 5.68
CA GLN B 29 -2.14 -43.63 6.01
C GLN B 29 -3.01 -44.85 5.79
N LYS B 30 -4.25 -44.74 6.29
CA LYS B 30 -5.27 -45.77 6.13
C LYS B 30 -5.40 -46.11 4.66
N LEU B 31 -5.55 -45.10 3.83
CA LEU B 31 -5.70 -45.29 2.40
C LEU B 31 -4.49 -46.03 1.81
N ALA B 32 -3.29 -45.64 2.23
CA ALA B 32 -2.07 -46.22 1.71
C ALA B 32 -1.87 -47.66 2.17
N PHE B 33 -2.44 -47.97 3.32
CA PHE B 33 -2.42 -49.33 3.84
C PHE B 33 -3.29 -50.23 2.99
N ALA B 34 -4.44 -49.70 2.60
CA ALA B 34 -5.48 -50.50 1.97
C ALA B 34 -5.38 -50.62 0.45
N LEU B 35 -4.63 -49.71 -0.17
CA LEU B 35 -4.53 -49.69 -1.63
C LEU B 35 -3.25 -50.42 -2.07
N ALA B 36 -3.32 -51.06 -3.24
CA ALA B 36 -2.18 -51.83 -3.76
C ALA B 36 -1.68 -51.27 -5.09
N ASP B 37 -0.51 -51.73 -5.53
CA ASP B 37 0.08 -51.26 -6.79
C ASP B 37 -0.88 -51.34 -7.99
N LYS B 38 -1.73 -52.35 -8.03
CA LYS B 38 -2.69 -52.53 -9.12
C LYS B 38 -3.72 -51.39 -9.12
N ASP B 39 -3.91 -50.79 -7.96
CA ASP B 39 -4.82 -49.65 -7.79
C ASP B 39 -4.28 -48.33 -8.41
N TYR B 40 -3.05 -47.98 -8.08
CA TYR B 40 -2.43 -46.78 -8.61
C TYR B 40 -2.04 -46.91 -10.09
N ASP B 41 -1.89 -48.14 -10.55
CA ASP B 41 -1.49 -48.42 -11.92
C ASP B 41 -2.68 -48.13 -12.82
N ALA B 42 -3.89 -48.38 -12.33
CA ALA B 42 -5.09 -48.28 -13.16
C ALA B 42 -5.96 -47.01 -13.02
N VAL B 43 -5.89 -46.37 -11.86
CA VAL B 43 -6.80 -45.27 -11.53
C VAL B 43 -5.98 -44.18 -10.86
N GLU B 44 -6.30 -42.91 -11.12
CA GLU B 44 -5.64 -41.86 -10.36
C GLU B 44 -6.40 -41.52 -9.08
N VAL B 45 -5.68 -41.54 -7.95
CA VAL B 45 -6.27 -41.30 -6.64
C VAL B 45 -5.80 -39.99 -6.02
N ALA B 46 -6.77 -39.18 -5.62
CA ALA B 46 -6.49 -37.88 -5.04
C ALA B 46 -7.42 -37.62 -3.89
N VAL B 47 -6.92 -36.86 -2.92
CA VAL B 47 -7.70 -36.36 -1.78
C VAL B 47 -7.61 -34.84 -1.76
N LEU B 48 -8.76 -34.20 -1.58
CA LEU B 48 -8.75 -32.74 -1.51
C LEU B 48 -9.01 -32.36 -0.07
N ALA B 49 -7.96 -31.90 0.62
CA ALA B 49 -7.96 -31.72 2.06
C ALA B 49 -8.12 -30.25 2.45
N PRO B 50 -8.67 -30.02 3.65
CA PRO B 50 -8.74 -28.64 4.14
C PRO B 50 -7.35 -27.98 4.14
N PHE B 51 -7.27 -26.68 3.83
CA PHE B 51 -6.00 -25.96 3.75
C PHE B 51 -5.09 -26.30 4.91
N THR B 52 -5.64 -26.26 6.11
CA THR B 52 -4.83 -26.42 7.30
C THR B 52 -4.19 -27.80 7.40
N ASP B 53 -4.63 -28.73 6.56
CA ASP B 53 -4.15 -30.11 6.54
C ASP B 53 -3.12 -30.41 5.46
N LEU B 54 -2.87 -29.46 4.57
CA LEU B 54 -2.10 -29.77 3.36
C LEU B 54 -0.63 -30.03 3.68
N ARG B 55 -0.08 -29.32 4.66
CA ARG B 55 1.33 -29.53 5.04
C ARG B 55 1.55 -30.92 5.63
N SER B 56 0.63 -31.35 6.48
CA SER B 56 0.73 -32.67 7.09
C SER B 56 0.64 -33.78 6.04
N VAL B 57 -0.23 -33.60 5.06
CA VAL B 57 -0.42 -34.59 4.00
C VAL B 57 0.80 -34.57 3.07
N GLN B 58 1.36 -33.41 2.80
CA GLN B 58 2.56 -33.32 1.98
C GLN B 58 3.79 -34.02 2.59
N THR B 59 4.05 -33.78 3.87
CA THR B 59 5.21 -34.40 4.50
C THR B 59 5.07 -35.92 4.58
N LEU B 60 3.85 -36.39 4.83
CA LEU B 60 3.56 -37.82 4.82
C LEU B 60 3.71 -38.37 3.42
N VAL B 61 3.16 -37.65 2.45
CA VAL B 61 3.20 -38.13 1.08
C VAL B 61 4.64 -38.16 0.63
N ASP B 62 5.40 -37.15 1.01
CA ASP B 62 6.84 -37.14 0.72
C ASP B 62 7.62 -38.16 1.55
N GLY B 63 7.19 -38.34 2.80
CA GLY B 63 7.86 -39.22 3.76
C GLY B 63 7.79 -40.70 3.44
N ASP B 64 6.58 -41.23 3.35
CA ASP B 64 6.35 -42.63 3.05
C ASP B 64 6.24 -42.88 1.54
N LYS B 65 6.66 -41.90 0.74
CA LYS B 65 6.58 -41.97 -0.72
C LYS B 65 5.26 -42.54 -1.26
N LEU B 66 4.16 -41.91 -0.89
CA LEU B 66 2.83 -42.38 -1.30
C LEU B 66 2.53 -42.01 -2.74
N LYS B 67 1.67 -42.80 -3.39
CA LYS B 67 1.32 -42.52 -4.78
C LYS B 67 0.04 -41.69 -4.85
N ILE B 68 -0.53 -41.41 -3.68
CA ILE B 68 -1.76 -40.66 -3.56
C ILE B 68 -1.46 -39.19 -3.81
N LYS B 69 -2.30 -38.56 -4.62
CA LYS B 69 -2.17 -37.13 -4.92
C LYS B 69 -2.98 -36.31 -3.90
N TYR B 70 -2.66 -35.03 -3.75
CA TYR B 70 -3.50 -34.18 -2.92
C TYR B 70 -3.72 -32.83 -3.58
N GLY B 71 -4.71 -32.09 -3.07
CA GLY B 71 -5.12 -30.84 -3.69
C GLY B 71 -5.96 -30.01 -2.74
N ALA B 72 -6.31 -28.80 -3.17
CA ALA B 72 -7.10 -27.90 -2.34
C ALA B 72 -8.55 -27.89 -2.77
N GLN B 73 -9.37 -27.28 -1.92
CA GLN B 73 -10.81 -27.19 -2.11
C GLN B 73 -11.21 -25.80 -2.61
N ASP B 74 -10.23 -24.92 -2.80
CA ASP B 74 -10.48 -23.55 -3.26
C ASP B 74 -9.14 -22.82 -3.51
N ILE B 75 -9.17 -21.73 -4.25
CA ILE B 75 -7.96 -20.96 -4.51
C ILE B 75 -8.30 -19.51 -4.75
N SER B 76 -7.41 -18.61 -4.32
CA SER B 76 -7.62 -17.21 -4.59
C SER B 76 -7.31 -16.92 -6.05
N ALA B 77 -8.15 -16.09 -6.66
CA ALA B 77 -7.94 -15.62 -8.00
C ALA B 77 -6.66 -14.81 -8.13
N HIS B 78 -6.17 -14.30 -7.00
CA HIS B 78 -5.01 -13.40 -6.98
C HIS B 78 -3.72 -14.12 -6.58
N ASP B 79 -2.58 -13.52 -6.93
CA ASP B 79 -1.30 -14.17 -6.72
C ASP B 79 -0.75 -13.95 -5.33
N GLY B 80 -1.32 -12.97 -4.62
CA GLY B 80 -0.84 -12.54 -3.31
C GLY B 80 -1.35 -11.13 -3.03
N GLY B 81 -1.27 -10.71 -1.77
CA GLY B 81 -1.60 -9.33 -1.44
C GLY B 81 -2.68 -9.16 -0.41
N ALA B 82 -3.38 -8.03 -0.50
CA ALA B 82 -4.34 -7.61 0.53
C ALA B 82 -5.66 -8.36 0.39
N TYR B 83 -5.59 -9.68 0.64
CA TYR B 83 -6.73 -10.58 0.53
C TYR B 83 -6.86 -11.45 1.76
N THR B 84 -7.31 -10.84 2.85
CA THR B 84 -7.37 -11.47 4.16
C THR B 84 -8.19 -12.73 4.11
N GLY B 85 -7.60 -13.83 4.59
CA GLY B 85 -8.30 -15.09 4.68
C GLY B 85 -8.12 -15.98 3.47
N GLU B 86 -7.53 -15.42 2.41
CA GLU B 86 -7.43 -16.15 1.15
C GLU B 86 -6.10 -16.88 1.00
N ILE B 87 -6.12 -17.95 0.22
CA ILE B 87 -4.95 -18.78 -0.06
C ILE B 87 -4.65 -18.73 -1.56
N SER B 88 -3.40 -18.42 -1.89
CA SER B 88 -2.98 -18.10 -3.24
C SER B 88 -2.51 -19.32 -3.99
N GLY B 89 -2.40 -19.19 -5.30
CA GLY B 89 -1.71 -20.20 -6.08
C GLY B 89 -0.32 -20.58 -5.60
N PRO B 90 0.59 -19.60 -5.39
CA PRO B 90 1.93 -19.96 -4.90
C PRO B 90 1.93 -20.76 -3.61
N MET B 91 1.03 -20.50 -2.68
CA MET B 91 0.99 -21.25 -1.43
C MET B 91 0.67 -22.72 -1.66
N LEU B 92 -0.35 -22.98 -2.48
CA LEU B 92 -0.75 -24.36 -2.77
C LEU B 92 0.35 -25.10 -3.53
N ALA B 93 1.07 -24.38 -4.37
CA ALA B 93 2.17 -24.92 -5.17
C ALA B 93 3.38 -25.28 -4.32
N LYS B 94 3.70 -24.45 -3.32
CA LYS B 94 4.80 -24.77 -2.42
C LYS B 94 4.53 -26.04 -1.62
N LEU B 95 3.25 -26.30 -1.33
CA LEU B 95 2.84 -27.54 -0.65
C LEU B 95 2.74 -28.67 -1.64
N LYS B 96 3.05 -28.38 -2.91
CA LYS B 96 3.05 -29.35 -3.98
C LYS B 96 1.73 -30.08 -4.18
N CYS B 97 0.65 -29.33 -4.06
CA CYS B 97 -0.65 -29.80 -4.49
C CYS B 97 -0.70 -30.06 -5.99
N THR B 98 -1.46 -31.06 -6.42
CA THR B 98 -1.64 -31.28 -7.85
C THR B 98 -2.91 -30.60 -8.34
N TYR B 99 -4.00 -30.74 -7.58
CA TYR B 99 -5.32 -30.28 -7.98
C TYR B 99 -5.91 -29.15 -7.13
N VAL B 100 -6.96 -28.51 -7.64
CA VAL B 100 -7.75 -27.65 -6.79
C VAL B 100 -9.17 -27.62 -7.32
N ALA B 101 -10.11 -27.97 -6.47
CA ALA B 101 -11.51 -27.92 -6.83
C ALA B 101 -11.79 -26.43 -6.98
N VAL B 102 -12.50 -26.07 -8.05
CA VAL B 102 -12.84 -24.67 -8.28
C VAL B 102 -14.28 -24.62 -8.70
N GLY B 103 -15.05 -23.71 -8.12
CA GLY B 103 -16.45 -23.59 -8.47
C GLY B 103 -17.34 -24.67 -7.92
N HIS B 104 -16.95 -25.27 -6.80
CA HIS B 104 -17.80 -26.27 -6.15
C HIS B 104 -19.15 -25.67 -5.78
N SER B 105 -20.21 -26.46 -5.93
CA SER B 105 -21.57 -25.93 -5.81
C SER B 105 -21.80 -25.25 -4.45
N GLU B 106 -21.10 -25.71 -3.42
CA GLU B 106 -21.29 -25.14 -2.11
C GLU B 106 -20.81 -23.71 -2.12
N ARG B 107 -19.73 -23.45 -2.86
CA ARG B 107 -19.12 -22.12 -2.87
C ARG B 107 -19.86 -21.14 -3.80
N ARG B 108 -20.46 -21.66 -4.86
CA ARG B 108 -21.37 -20.88 -5.71
C ARG B 108 -22.60 -20.45 -4.94
N GLN B 109 -22.99 -21.28 -3.97
CA GLN B 109 -24.17 -20.97 -3.18
C GLN B 109 -23.89 -20.20 -1.90
N TYR B 110 -23.00 -20.70 -1.06
CA TYR B 110 -22.80 -20.03 0.23
C TYR B 110 -21.92 -18.80 0.08
N HIS B 111 -21.16 -18.72 -1.00
CA HIS B 111 -20.18 -17.65 -1.16
C HIS B 111 -20.28 -16.93 -2.50
N ALA B 112 -21.43 -17.03 -3.15
CA ALA B 112 -21.74 -16.25 -4.35
C ALA B 112 -20.62 -16.27 -5.38
N GLU B 113 -20.04 -17.43 -5.59
CA GLU B 113 -19.06 -17.57 -6.64
C GLU B 113 -19.74 -17.55 -8.01
N THR B 114 -19.20 -16.70 -8.88
CA THR B 114 -19.77 -16.51 -10.20
C THR B 114 -18.92 -17.21 -11.24
N ASP B 115 -19.48 -17.40 -12.44
CA ASP B 115 -18.72 -17.94 -13.56
C ASP B 115 -17.50 -17.05 -13.77
N GLU B 116 -17.65 -15.75 -13.52
CA GLU B 116 -16.57 -14.80 -13.73
C GLU B 116 -15.47 -15.01 -12.66
N ILE B 117 -15.90 -15.20 -11.41
CA ILE B 117 -15.01 -15.53 -10.29
C ILE B 117 -14.28 -16.89 -10.41
N VAL B 118 -15.06 -17.91 -10.74
CA VAL B 118 -14.54 -19.25 -10.97
C VAL B 118 -13.57 -19.28 -12.14
N ASN B 119 -13.90 -18.57 -13.22
CA ASN B 119 -13.00 -18.49 -14.36
C ASN B 119 -11.66 -17.92 -13.95
N ALA B 120 -11.71 -16.93 -13.07
CA ALA B 120 -10.50 -16.28 -12.61
C ALA B 120 -9.70 -17.25 -11.76
N LYS B 121 -10.41 -18.08 -11.01
CA LYS B 121 -9.75 -19.06 -10.16
C LYS B 121 -9.18 -20.16 -11.04
N VAL B 122 -9.90 -20.53 -12.10
CA VAL B 122 -9.38 -21.48 -13.09
C VAL B 122 -8.03 -21.04 -13.66
N LYS B 123 -7.97 -19.79 -14.11
CA LYS B 123 -6.77 -19.14 -14.61
C LYS B 123 -5.65 -19.00 -13.56
N ALA B 124 -5.99 -18.63 -12.34
CA ALA B 124 -4.98 -18.56 -11.30
C ALA B 124 -4.35 -19.93 -11.09
N ALA B 125 -5.16 -20.99 -11.10
CA ALA B 125 -4.66 -22.37 -10.98
C ALA B 125 -3.61 -22.71 -12.05
N TYR B 126 -3.93 -22.49 -13.30
CA TYR B 126 -2.97 -22.80 -14.35
C TYR B 126 -1.69 -21.96 -14.29
N LYS B 127 -1.85 -20.68 -13.97
CA LYS B 127 -0.75 -19.74 -13.85
C LYS B 127 0.31 -20.24 -12.88
N HIS B 128 -0.17 -21.03 -11.94
CA HIS B 128 0.55 -21.53 -10.78
C HIS B 128 0.80 -23.03 -10.74
N GLY B 129 0.62 -23.72 -11.86
CA GLY B 129 1.07 -25.11 -12.02
C GLY B 129 0.13 -26.11 -11.39
N LEU B 130 -1.05 -25.63 -11.05
CA LEU B 130 -2.07 -26.48 -10.45
C LEU B 130 -3.04 -26.99 -11.50
N THR B 131 -3.76 -28.06 -11.20
CA THR B 131 -4.81 -28.49 -12.12
C THR B 131 -6.21 -28.26 -11.52
N PRO B 132 -6.99 -27.35 -12.14
CA PRO B 132 -8.33 -27.09 -11.58
C PRO B 132 -9.31 -28.22 -11.88
N ILE B 133 -10.19 -28.49 -10.93
CA ILE B 133 -11.32 -29.36 -11.16
C ILE B 133 -12.53 -28.47 -11.25
N LEU B 134 -12.95 -28.19 -12.47
CA LEU B 134 -14.01 -27.22 -12.68
C LEU B 134 -15.32 -27.89 -12.33
N CYS B 135 -15.92 -27.42 -11.25
CA CYS B 135 -17.14 -28.02 -10.81
C CYS B 135 -18.28 -27.28 -11.46
N VAL B 136 -19.14 -28.01 -12.17
CA VAL B 136 -20.30 -27.43 -12.85
C VAL B 136 -21.56 -28.24 -12.54
N GLY B 137 -22.71 -27.70 -12.92
CA GLY B 137 -23.97 -28.36 -12.64
C GLY B 137 -25.12 -27.39 -12.49
N GLU B 138 -26.33 -27.91 -12.69
CA GLU B 138 -27.54 -27.10 -12.66
C GLU B 138 -28.40 -27.48 -11.46
N GLU B 139 -29.17 -26.53 -10.95
CA GLU B 139 -30.07 -26.84 -9.85
C GLU B 139 -31.35 -27.42 -10.40
N LEU B 140 -32.33 -27.51 -9.53
CA LEU B 140 -33.56 -28.23 -9.83
C LEU B 140 -34.40 -27.52 -10.88
N ASP B 141 -34.56 -26.21 -10.74
CA ASP B 141 -35.35 -25.39 -11.67
C ASP B 141 -34.94 -25.58 -13.13
N VAL B 142 -33.61 -25.62 -13.34
CA VAL B 142 -33.04 -25.75 -14.66
C VAL B 142 -33.28 -27.15 -15.23
N ARG B 143 -33.26 -28.14 -14.35
CA ARG B 143 -33.50 -29.49 -14.78
C ARG B 143 -34.96 -29.68 -15.16
N GLU B 144 -35.85 -29.02 -14.43
CA GLU B 144 -37.28 -29.06 -14.75
C GLU B 144 -37.59 -28.34 -16.06
N ALA B 145 -36.81 -27.33 -16.39
CA ALA B 145 -37.00 -26.57 -17.63
C ALA B 145 -36.51 -27.31 -18.87
N GLY B 146 -35.75 -28.40 -18.66
CA GLY B 146 -35.20 -29.19 -19.75
C GLY B 146 -34.04 -28.49 -20.45
N ASN B 147 -33.44 -27.53 -19.74
CA ASN B 147 -32.34 -26.72 -20.25
C ASN B 147 -31.01 -27.01 -19.52
N HIS B 148 -31.04 -28.03 -18.67
CA HIS B 148 -29.90 -28.42 -17.83
C HIS B 148 -28.54 -28.46 -18.54
N VAL B 149 -28.48 -29.16 -19.67
CA VAL B 149 -27.22 -29.25 -20.39
C VAL B 149 -26.84 -27.84 -20.85
N GLU B 150 -27.83 -27.05 -21.25
CA GLU B 150 -27.56 -25.75 -21.84
C GLU B 150 -26.87 -24.89 -20.78
N HIS B 151 -27.40 -24.93 -19.57
CA HIS B 151 -26.87 -24.18 -18.44
C HIS B 151 -25.45 -24.66 -18.03
N THR B 152 -25.34 -25.98 -17.83
CA THR B 152 -24.08 -26.65 -17.54
C THR B 152 -23.05 -26.39 -18.64
N LEU B 153 -23.51 -26.34 -19.87
CA LEU B 153 -22.61 -26.15 -20.98
C LEU B 153 -22.09 -24.71 -21.01
N ALA B 154 -22.95 -23.77 -20.62
CA ALA B 154 -22.53 -22.38 -20.47
C ALA B 154 -21.57 -22.20 -19.30
N GLN B 155 -21.87 -22.87 -18.19
CA GLN B 155 -21.01 -22.79 -17.02
C GLN B 155 -19.60 -23.27 -17.32
N VAL B 156 -19.50 -24.34 -18.09
CA VAL B 156 -18.20 -24.87 -18.48
C VAL B 156 -17.51 -23.81 -19.32
N GLU B 157 -18.27 -23.18 -20.24
CA GLU B 157 -17.66 -22.18 -21.11
C GLU B 157 -17.19 -20.96 -20.35
N GLY B 158 -18.05 -20.46 -19.45
CA GLY B 158 -17.71 -19.33 -18.61
C GLY B 158 -16.47 -19.65 -17.79
N GLY B 159 -16.46 -20.82 -17.14
CA GLY B 159 -15.31 -21.22 -16.33
C GLY B 159 -14.07 -21.29 -17.18
N LEU B 160 -14.22 -21.65 -18.45
CA LEU B 160 -13.08 -21.84 -19.33
C LEU B 160 -12.75 -20.64 -20.16
N LYS B 161 -13.32 -19.48 -19.81
CA LYS B 161 -13.08 -18.26 -20.58
C LYS B 161 -11.62 -17.83 -20.65
N ASP B 162 -11.16 -17.56 -21.87
CA ASP B 162 -9.84 -17.04 -22.19
C ASP B 162 -8.69 -17.97 -21.82
N LEU B 163 -9.02 -19.25 -21.65
CA LEU B 163 -8.04 -20.29 -21.39
C LEU B 163 -7.49 -20.99 -22.65
N ALA B 164 -6.18 -20.93 -22.84
CA ALA B 164 -5.54 -21.53 -24.00
C ALA B 164 -5.70 -23.04 -24.01
N ALA B 165 -5.67 -23.64 -25.19
CA ALA B 165 -5.83 -25.08 -25.32
C ALA B 165 -4.68 -25.84 -24.64
N GLU B 166 -3.50 -25.23 -24.63
CA GLU B 166 -2.33 -25.90 -24.06
C GLU B 166 -2.48 -26.10 -22.55
N GLN B 167 -3.24 -25.22 -21.88
CA GLN B 167 -3.66 -25.45 -20.50
C GLN B 167 -4.86 -26.36 -20.46
N ALA B 168 -5.90 -25.97 -21.19
CA ALA B 168 -7.21 -26.64 -21.11
C ALA B 168 -7.12 -28.14 -21.32
N GLU B 169 -6.06 -28.55 -21.99
CA GLU B 169 -5.84 -29.94 -22.36
C GLU B 169 -5.78 -30.85 -21.13
N SER B 170 -5.39 -30.28 -19.99
CA SER B 170 -5.20 -31.06 -18.76
C SER B 170 -6.27 -30.83 -17.71
N VAL B 171 -7.25 -30.01 -18.06
CA VAL B 171 -8.30 -29.62 -17.14
C VAL B 171 -9.18 -30.79 -16.75
N VAL B 172 -9.78 -30.68 -15.58
CA VAL B 172 -10.78 -31.62 -15.14
C VAL B 172 -12.06 -30.84 -14.94
N ILE B 173 -13.18 -31.42 -15.39
CA ILE B 173 -14.51 -30.91 -15.16
C ILE B 173 -15.22 -31.92 -14.28
N ALA B 174 -15.88 -31.45 -13.23
CA ALA B 174 -16.67 -32.33 -12.40
C ALA B 174 -18.11 -31.88 -12.54
N TYR B 175 -19.00 -32.80 -12.93
CA TYR B 175 -20.40 -32.44 -13.03
C TYR B 175 -21.17 -32.72 -11.74
N GLU B 176 -21.68 -31.65 -11.11
CA GLU B 176 -22.52 -31.81 -9.94
C GLU B 176 -23.96 -31.56 -10.30
N PRO B 177 -24.77 -32.62 -10.33
CA PRO B 177 -26.21 -32.48 -10.57
C PRO B 177 -26.83 -31.93 -9.30
N VAL B 178 -26.74 -30.62 -9.09
CA VAL B 178 -27.11 -30.06 -7.80
C VAL B 178 -28.58 -30.34 -7.52
N TRP B 179 -29.34 -30.61 -8.58
CA TRP B 179 -30.74 -30.99 -8.41
C TRP B 179 -30.92 -32.35 -7.74
N ALA B 180 -29.87 -33.18 -7.71
CA ALA B 180 -29.98 -34.56 -7.23
C ALA B 180 -28.90 -35.12 -6.30
N ILE B 181 -28.30 -34.32 -5.42
CA ILE B 181 -27.22 -34.87 -4.57
C ILE B 181 -27.62 -35.02 -3.10
N GLY B 182 -28.01 -33.90 -2.49
CA GLY B 182 -28.50 -33.92 -1.13
C GLY B 182 -30.00 -33.99 -1.33
N THR B 183 -30.43 -34.95 -2.15
CA THR B 183 -31.78 -34.95 -2.67
C THR B 183 -32.26 -36.37 -2.97
N GLY B 184 -33.54 -36.64 -2.66
CA GLY B 184 -34.16 -37.94 -2.86
C GLY B 184 -34.34 -38.29 -4.33
N LYS B 185 -34.05 -37.32 -5.19
CA LYS B 185 -34.06 -37.50 -6.64
C LYS B 185 -32.65 -38.01 -6.97
N VAL B 186 -32.55 -39.09 -7.73
CA VAL B 186 -31.23 -39.63 -8.05
C VAL B 186 -30.90 -39.31 -9.51
N CYS B 187 -29.65 -38.98 -9.79
CA CYS B 187 -29.28 -38.76 -11.17
C CYS B 187 -28.61 -40.02 -11.72
N GLY B 188 -29.33 -40.74 -12.57
CA GLY B 188 -28.87 -42.02 -13.09
C GLY B 188 -27.73 -41.79 -14.06
N ALA B 189 -27.00 -42.87 -14.35
CA ALA B 189 -25.85 -42.77 -15.24
C ALA B 189 -26.20 -42.31 -16.64
N ASP B 190 -27.39 -42.67 -17.12
CA ASP B 190 -27.84 -42.15 -18.41
C ASP B 190 -27.94 -40.63 -18.34
N ASP B 191 -28.56 -40.11 -17.28
CA ASP B 191 -28.72 -38.67 -17.11
C ASP B 191 -27.36 -37.96 -17.05
N ALA B 192 -26.43 -38.50 -16.29
CA ALA B 192 -25.09 -37.92 -16.19
C ALA B 192 -24.25 -38.15 -17.44
N GLN B 193 -24.42 -39.31 -18.09
CA GLN B 193 -23.70 -39.61 -19.32
C GLN B 193 -24.07 -38.57 -20.35
N GLU B 194 -25.35 -38.20 -20.33
CA GLU B 194 -25.90 -37.19 -21.26
C GLU B 194 -25.23 -35.82 -21.12
N VAL B 195 -25.09 -35.34 -19.89
CA VAL B 195 -24.39 -34.09 -19.62
C VAL B 195 -22.89 -34.22 -19.90
N CYS B 196 -22.28 -35.29 -19.41
CA CYS B 196 -20.85 -35.47 -19.55
C CYS B 196 -20.47 -35.63 -21.01
N ALA B 197 -21.41 -36.14 -21.81
CA ALA B 197 -21.22 -36.22 -23.25
C ALA B 197 -21.26 -34.83 -23.84
N ALA B 198 -22.35 -34.11 -23.54
CA ALA B 198 -22.52 -32.73 -23.96
C ALA B 198 -21.32 -31.92 -23.58
N ILE B 199 -20.85 -32.09 -22.35
CA ILE B 199 -19.67 -31.35 -21.86
C ILE B 199 -18.46 -31.62 -22.76
N ARG B 200 -18.22 -32.88 -23.09
CA ARG B 200 -17.13 -33.18 -23.99
C ARG B 200 -17.41 -32.60 -25.37
N GLY B 201 -18.69 -32.58 -25.75
CA GLY B 201 -19.13 -31.96 -26.99
C GLY B 201 -18.93 -30.45 -27.00
N LYS B 202 -19.22 -29.80 -25.87
CA LYS B 202 -18.99 -28.36 -25.77
C LYS B 202 -17.50 -28.03 -25.81
N LEU B 203 -16.68 -28.83 -25.14
CA LEU B 203 -15.22 -28.67 -25.15
C LEU B 203 -14.65 -28.79 -26.55
N ALA B 204 -15.25 -29.65 -27.35
CA ALA B 204 -14.83 -29.88 -28.73
C ALA B 204 -15.00 -28.60 -29.52
N GLU B 205 -16.16 -27.96 -29.36
CA GLU B 205 -16.41 -26.67 -29.96
C GLU B 205 -15.43 -25.59 -29.50
N LEU B 206 -15.24 -25.47 -28.19
CA LEU B 206 -14.35 -24.44 -27.64
C LEU B 206 -12.91 -24.71 -28.05
N TYR B 207 -12.56 -25.99 -28.21
CA TYR B 207 -11.20 -26.34 -28.59
C TYR B 207 -11.18 -27.28 -29.79
N SER B 208 -10.93 -28.56 -29.57
CA SER B 208 -10.81 -29.53 -30.65
C SER B 208 -11.15 -30.90 -30.09
N GLN B 209 -11.61 -31.81 -30.94
CA GLN B 209 -11.98 -33.17 -30.50
C GLN B 209 -10.73 -33.88 -29.99
N GLU B 210 -9.58 -33.52 -30.58
CA GLU B 210 -8.27 -33.98 -30.12
C GLU B 210 -8.01 -33.54 -28.67
N LEU B 211 -8.53 -32.39 -28.28
CA LEU B 211 -8.37 -31.98 -26.91
C LEU B 211 -9.46 -32.61 -26.02
N ALA B 212 -10.70 -32.55 -26.49
CA ALA B 212 -11.87 -32.98 -25.75
C ALA B 212 -11.82 -34.41 -25.24
N ASP B 213 -11.06 -35.24 -25.93
CA ASP B 213 -10.93 -36.65 -25.59
C ASP B 213 -9.84 -36.93 -24.56
N LYS B 214 -9.08 -35.88 -24.25
CA LYS B 214 -8.03 -35.97 -23.26
C LYS B 214 -8.51 -35.42 -21.91
N VAL B 215 -9.60 -34.69 -21.92
CA VAL B 215 -10.11 -34.06 -20.71
C VAL B 215 -10.94 -35.06 -19.91
N ARG B 216 -10.55 -35.24 -18.66
CA ARG B 216 -11.29 -36.13 -17.78
C ARG B 216 -12.52 -35.42 -17.30
N ILE B 217 -13.68 -36.03 -17.49
CA ILE B 217 -14.89 -35.45 -16.97
C ILE B 217 -15.43 -36.33 -15.86
N GLN B 218 -15.44 -35.80 -14.63
CA GLN B 218 -15.83 -36.54 -13.45
C GLN B 218 -17.32 -36.42 -13.21
N TYR B 219 -17.88 -37.39 -12.50
CA TYR B 219 -19.24 -37.26 -12.01
C TYR B 219 -19.16 -36.78 -10.56
N GLY B 220 -20.01 -35.81 -10.22
CA GLY B 220 -20.02 -35.20 -8.90
C GLY B 220 -21.29 -35.36 -8.07
N GLY B 221 -22.18 -36.25 -8.48
CA GLY B 221 -23.36 -36.56 -7.68
C GLY B 221 -23.00 -37.45 -6.51
N SER B 222 -23.99 -37.99 -5.80
CA SER B 222 -23.69 -38.89 -4.70
C SER B 222 -23.09 -40.18 -5.23
N VAL B 223 -21.84 -40.42 -4.89
CA VAL B 223 -21.17 -41.62 -5.38
C VAL B 223 -20.84 -42.58 -4.24
N LYS B 224 -21.42 -43.77 -4.29
CA LYS B 224 -21.09 -44.82 -3.32
C LYS B 224 -20.71 -46.12 -4.02
N SER B 225 -20.32 -47.13 -3.24
CA SER B 225 -19.97 -48.44 -3.79
C SER B 225 -21.08 -49.06 -4.65
N GLY B 226 -22.33 -48.86 -4.25
CA GLY B 226 -23.46 -49.34 -5.03
C GLY B 226 -23.58 -48.66 -6.38
N ASN B 227 -23.28 -47.36 -6.40
CA ASN B 227 -23.47 -46.50 -7.57
C ASN B 227 -22.36 -46.58 -8.58
N VAL B 228 -21.15 -46.76 -8.06
CA VAL B 228 -19.94 -46.44 -8.78
C VAL B 228 -19.75 -47.22 -10.10
N ALA B 229 -20.31 -48.41 -10.16
CA ALA B 229 -20.12 -49.25 -11.33
C ALA B 229 -20.82 -48.72 -12.59
N GLU B 230 -22.14 -48.50 -12.52
CA GLU B 230 -22.88 -48.07 -13.70
C GLU B 230 -22.41 -46.70 -14.20
N ILE B 231 -22.15 -45.80 -13.25
CA ILE B 231 -21.66 -44.46 -13.53
C ILE B 231 -20.37 -44.55 -14.33
N MET B 232 -19.43 -45.35 -13.84
CA MET B 232 -18.10 -45.49 -14.44
C MET B 232 -18.07 -46.18 -15.81
N ALA B 233 -18.97 -47.12 -16.02
CA ALA B 233 -19.03 -47.83 -17.28
C ALA B 233 -19.18 -46.85 -18.45
N LYS B 234 -19.85 -45.74 -18.16
CA LYS B 234 -20.15 -44.74 -19.18
C LYS B 234 -18.90 -44.26 -19.90
N PRO B 235 -19.03 -44.14 -21.22
CA PRO B 235 -17.91 -43.81 -22.10
C PRO B 235 -17.33 -42.40 -21.93
N ASP B 236 -18.11 -41.48 -21.38
CA ASP B 236 -17.63 -40.11 -21.26
C ASP B 236 -17.51 -39.67 -19.80
N ILE B 237 -17.73 -40.59 -18.86
CA ILE B 237 -17.41 -40.35 -17.45
C ILE B 237 -16.05 -40.97 -17.07
N ASP B 238 -15.11 -40.12 -16.66
CA ASP B 238 -13.72 -40.48 -16.40
C ASP B 238 -13.27 -40.34 -14.95
N GLY B 239 -14.20 -40.45 -14.01
CA GLY B 239 -13.85 -40.33 -12.61
C GLY B 239 -14.97 -39.73 -11.81
N ALA B 240 -14.72 -39.53 -10.52
CA ALA B 240 -15.76 -39.05 -9.62
C ALA B 240 -15.19 -38.11 -8.55
N LEU B 241 -15.89 -37.00 -8.33
CA LEU B 241 -15.55 -36.10 -7.25
C LEU B 241 -16.40 -36.49 -6.07
N VAL B 242 -15.83 -37.28 -5.17
CA VAL B 242 -16.62 -37.90 -4.11
C VAL B 242 -16.82 -36.97 -2.91
N GLY B 243 -18.05 -36.93 -2.42
CA GLY B 243 -18.40 -36.23 -1.20
C GLY B 243 -18.22 -37.07 0.07
N GLY B 244 -19.33 -37.31 0.76
CA GLY B 244 -19.26 -37.92 2.08
C GLY B 244 -18.46 -39.20 2.13
N ALA B 245 -18.54 -39.98 1.06
CA ALA B 245 -17.89 -41.28 0.99
C ALA B 245 -16.37 -41.20 0.91
N SER B 246 -15.83 -40.03 0.61
CA SER B 246 -14.37 -39.87 0.57
C SER B 246 -13.72 -39.92 1.96
N LEU B 247 -14.54 -39.68 2.98
CA LEU B 247 -14.15 -39.67 4.39
C LEU B 247 -14.11 -41.06 5.01
N ASP B 248 -14.73 -42.02 4.34
CA ASP B 248 -14.80 -43.39 4.82
C ASP B 248 -13.77 -44.26 4.10
N SER B 249 -12.76 -44.70 4.84
CA SER B 249 -11.62 -45.38 4.23
C SER B 249 -11.99 -46.58 3.35
N ASP B 250 -12.80 -47.50 3.87
CA ASP B 250 -13.19 -48.68 3.11
C ASP B 250 -14.00 -48.29 1.87
N GLU B 251 -14.89 -47.32 2.00
CA GLU B 251 -15.74 -46.92 0.90
C GLU B 251 -15.01 -46.18 -0.20
N PHE B 252 -14.00 -45.41 0.15
CA PHE B 252 -13.19 -44.73 -0.86
C PHE B 252 -12.32 -45.74 -1.62
N VAL B 253 -11.73 -46.67 -0.87
CA VAL B 253 -10.95 -47.74 -1.46
C VAL B 253 -11.78 -48.57 -2.45
N LYS B 254 -13.03 -48.88 -2.07
CA LYS B 254 -13.96 -49.54 -2.97
C LYS B 254 -14.20 -48.73 -4.23
N ILE B 255 -14.38 -47.42 -4.09
CA ILE B 255 -14.70 -46.59 -5.24
C ILE B 255 -13.54 -46.58 -6.21
N VAL B 256 -12.33 -46.48 -5.66
CA VAL B 256 -11.10 -46.54 -6.45
C VAL B 256 -11.08 -47.83 -7.26
N ARG B 257 -11.69 -48.85 -6.69
CA ARG B 257 -11.88 -50.11 -7.37
C ARG B 257 -13.32 -50.18 -7.85
N PHE B 258 -13.70 -49.25 -8.74
CA PHE B 258 -15.08 -49.22 -9.24
C PHE B 258 -15.29 -50.53 -9.97
N ARG B 259 -14.17 -51.16 -10.26
CA ARG B 259 -14.09 -52.53 -10.72
C ARG B 259 -14.50 -53.45 -9.55
N ASP B 260 -15.78 -53.38 -9.16
CA ASP B 260 -16.37 -54.08 -8.00
C ASP B 260 -15.81 -55.47 -7.81
N ARG C 7 15.97 -2.07 -26.75
CA ARG C 7 15.83 -1.10 -25.65
C ARG C 7 16.31 -1.60 -24.29
N THR C 8 17.24 -0.86 -23.71
CA THR C 8 17.70 -1.12 -22.36
C THR C 8 16.56 -0.95 -21.36
N PRO C 9 16.21 -2.01 -20.62
CA PRO C 9 15.15 -1.78 -19.64
C PRO C 9 15.59 -0.78 -18.55
N LEU C 10 14.62 -0.06 -18.00
CA LEU C 10 14.92 0.93 -16.97
C LEU C 10 14.09 0.60 -15.75
N MET C 11 14.79 0.30 -14.65
CA MET C 11 14.14 0.05 -13.38
C MET C 11 14.43 1.27 -12.53
N ALA C 12 13.37 2.06 -12.33
CA ALA C 12 13.44 3.30 -11.57
C ALA C 12 12.74 3.12 -10.25
N GLY C 13 13.48 3.28 -9.16
CA GLY C 13 12.92 3.18 -7.82
C GLY C 13 12.42 4.51 -7.33
N ASN C 14 11.09 4.65 -7.27
CA ASN C 14 10.51 5.87 -6.78
C ASN C 14 10.33 5.76 -5.27
N TRP C 15 11.29 6.30 -4.51
CA TRP C 15 11.22 6.22 -3.06
C TRP C 15 10.04 7.00 -2.48
N LYS C 16 9.54 7.95 -3.26
CA LYS C 16 8.55 8.89 -2.80
C LYS C 16 9.10 9.65 -1.60
N MET C 17 8.25 9.97 -0.64
CA MET C 17 8.71 10.73 0.53
C MET C 17 9.20 9.80 1.64
N ASN C 18 10.33 9.14 1.40
CA ASN C 18 10.89 8.20 2.37
C ASN C 18 12.41 8.29 2.37
N LEU C 19 13.03 7.92 3.49
CA LEU C 19 14.48 7.82 3.71
C LEU C 19 15.08 9.19 3.91
N ASN C 20 15.72 9.41 5.07
CA ASN C 20 16.47 10.66 5.27
C ASN C 20 17.82 10.53 4.56
N HIS C 21 18.69 11.55 4.67
CA HIS C 21 19.90 11.55 3.85
C HIS C 21 20.84 10.42 4.26
N LEU C 22 20.72 9.99 5.52
CA LEU C 22 21.52 8.89 6.07
C LEU C 22 20.91 7.51 5.70
N GLU C 23 19.59 7.43 5.68
CA GLU C 23 18.88 6.25 5.20
C GLU C 23 19.10 6.09 3.71
N ALA C 24 19.21 7.22 3.00
CA ALA C 24 19.39 7.20 1.56
C ALA C 24 20.72 6.55 1.22
N ILE C 25 21.77 6.99 1.89
CA ILE C 25 23.13 6.47 1.73
C ILE C 25 23.25 4.98 2.07
N ALA C 26 22.75 4.61 3.24
CA ALA C 26 22.75 3.24 3.70
C ALA C 26 22.08 2.33 2.66
N HIS C 27 20.97 2.81 2.12
CA HIS C 27 20.18 2.06 1.16
C HIS C 27 20.90 1.90 -0.20
N VAL C 28 21.47 2.98 -0.73
CA VAL C 28 22.25 2.89 -1.98
C VAL C 28 23.52 2.03 -1.76
N GLN C 29 24.10 2.08 -0.56
CA GLN C 29 25.15 1.14 -0.15
C GLN C 29 24.71 -0.32 -0.17
N LYS C 30 23.57 -0.60 0.45
CA LYS C 30 22.98 -1.94 0.39
C LYS C 30 22.78 -2.45 -1.03
N LEU C 31 22.24 -1.60 -1.89
CA LEU C 31 21.96 -1.97 -3.27
C LEU C 31 23.23 -2.39 -4.02
N ALA C 32 24.28 -1.59 -3.90
CA ALA C 32 25.50 -1.83 -4.64
C ALA C 32 26.21 -3.10 -4.16
N PHE C 33 25.99 -3.44 -2.89
CA PHE C 33 26.52 -4.65 -2.27
C PHE C 33 25.87 -5.88 -2.85
N ALA C 34 24.57 -5.75 -3.13
CA ALA C 34 23.70 -6.84 -3.58
C ALA C 34 23.67 -7.01 -5.11
N LEU C 35 24.14 -5.99 -5.84
CA LEU C 35 24.16 -6.02 -7.31
C LEU C 35 25.53 -6.43 -7.89
N ALA C 36 25.51 -7.08 -9.05
CA ALA C 36 26.72 -7.49 -9.77
C ALA C 36 26.75 -6.84 -11.14
N ASP C 37 27.90 -6.88 -11.80
CA ASP C 37 28.07 -6.26 -13.11
C ASP C 37 27.03 -6.68 -14.13
N LYS C 38 26.66 -7.94 -14.05
CA LYS C 38 25.68 -8.54 -14.93
C LYS C 38 24.32 -7.83 -14.86
N ASP C 39 24.02 -7.25 -13.70
CA ASP C 39 22.76 -6.54 -13.51
C ASP C 39 22.80 -5.21 -14.27
N TYR C 40 23.87 -4.43 -14.05
CA TYR C 40 24.04 -3.14 -14.73
C TYR C 40 24.30 -3.34 -16.21
N ASP C 41 24.76 -4.53 -16.56
CA ASP C 41 25.11 -4.81 -17.93
C ASP C 41 23.82 -4.91 -18.72
N ALA C 42 22.81 -5.50 -18.07
CA ALA C 42 21.56 -5.85 -18.73
C ALA C 42 20.38 -4.91 -18.45
N VAL C 43 20.45 -4.18 -17.35
CA VAL C 43 19.32 -3.40 -16.88
C VAL C 43 19.88 -2.07 -16.45
N GLU C 44 19.16 -0.99 -16.74
CA GLU C 44 19.54 0.32 -16.20
C GLU C 44 18.86 0.48 -14.85
N VAL C 45 19.65 0.80 -13.83
CA VAL C 45 19.11 0.90 -12.48
C VAL C 45 19.15 2.35 -12.01
N ALA C 46 18.03 2.85 -11.51
CA ALA C 46 17.97 4.25 -11.04
C ALA C 46 17.16 4.36 -9.77
N VAL C 47 17.53 5.33 -8.93
CA VAL C 47 16.79 5.64 -7.71
C VAL C 47 16.36 7.12 -7.78
N LEU C 48 15.07 7.37 -7.54
CA LEU C 48 14.56 8.73 -7.56
C LEU C 48 14.33 9.16 -6.14
N ALA C 49 15.22 10.03 -5.67
CA ALA C 49 15.31 10.37 -4.27
C ALA C 49 14.73 11.72 -3.92
N PRO C 50 14.27 11.89 -2.67
CA PRO C 50 13.80 13.18 -2.17
C PRO C 50 14.88 14.23 -2.36
N PHE C 51 14.47 15.46 -2.66
CA PHE C 51 15.40 16.57 -2.90
C PHE C 51 16.49 16.61 -1.83
N THR C 52 16.09 16.44 -0.58
CA THR C 52 17.04 16.52 0.53
C THR C 52 18.03 15.35 0.57
N ASP C 53 17.80 14.31 -0.23
CA ASP C 53 18.70 13.15 -0.21
C ASP C 53 19.74 13.18 -1.31
N LEU C 54 19.60 14.13 -2.24
CA LEU C 54 20.32 14.12 -3.51
C LEU C 54 21.83 14.41 -3.42
N ARG C 55 22.25 15.30 -2.53
CA ARG C 55 23.68 15.57 -2.40
C ARG C 55 24.40 14.34 -1.86
N SER C 56 23.75 13.68 -0.90
CA SER C 56 24.29 12.49 -0.29
C SER C 56 24.45 11.33 -1.29
N VAL C 57 23.48 11.18 -2.17
CA VAL C 57 23.54 10.12 -3.17
C VAL C 57 24.60 10.45 -4.21
N GLN C 58 24.67 11.72 -4.60
CA GLN C 58 25.68 12.12 -5.59
C GLN C 58 27.11 11.86 -5.09
N THR C 59 27.40 12.28 -3.86
CA THR C 59 28.73 12.11 -3.29
C THR C 59 29.08 10.64 -3.12
N LEU C 60 28.09 9.85 -2.76
CA LEU C 60 28.26 8.40 -2.62
C LEU C 60 28.51 7.75 -3.98
N VAL C 61 27.71 8.14 -4.97
CA VAL C 61 27.83 7.55 -6.29
C VAL C 61 29.14 8.04 -6.94
N ASP C 62 29.45 9.33 -6.76
CA ASP C 62 30.72 9.91 -7.28
C ASP C 62 31.93 9.37 -6.51
N GLY C 63 31.72 9.07 -5.23
CA GLY C 63 32.77 8.53 -4.38
C GLY C 63 33.18 7.11 -4.73
N ASP C 64 32.23 6.17 -4.70
CA ASP C 64 32.54 4.76 -4.96
C ASP C 64 32.45 4.35 -6.43
N LYS C 65 32.33 5.35 -7.30
CA LYS C 65 32.09 5.09 -8.72
C LYS C 65 31.02 4.00 -8.94
N LEU C 66 29.84 4.22 -8.39
CA LEU C 66 28.72 3.28 -8.52
C LEU C 66 28.09 3.42 -9.90
N LYS C 67 27.49 2.35 -10.41
CA LYS C 67 26.94 2.39 -11.76
C LYS C 67 25.45 2.71 -11.71
N ILE C 68 24.94 2.76 -10.48
CA ILE C 68 23.54 3.04 -10.20
C ILE C 68 23.26 4.53 -10.42
N LYS C 69 22.23 4.81 -11.20
CA LYS C 69 21.86 6.19 -11.53
C LYS C 69 20.83 6.76 -10.56
N TYR C 70 20.72 8.08 -10.50
CA TYR C 70 19.74 8.71 -9.62
C TYR C 70 19.03 9.88 -10.29
N GLY C 71 17.97 10.35 -9.64
CA GLY C 71 17.10 11.36 -10.21
C GLY C 71 16.26 11.98 -9.11
N ALA C 72 15.48 12.99 -9.47
CA ALA C 72 14.62 13.71 -8.55
C ALA C 72 13.17 13.29 -8.75
N GLN C 73 12.28 13.73 -7.87
CA GLN C 73 10.86 13.36 -7.91
C GLN C 73 9.90 14.43 -8.49
N ASP C 74 10.45 15.57 -8.89
CA ASP C 74 9.67 16.69 -9.45
C ASP C 74 10.68 17.77 -9.89
N ILE C 75 10.23 18.72 -10.71
CA ILE C 75 11.11 19.78 -11.18
C ILE C 75 10.26 21.00 -11.42
N SER C 76 10.83 22.19 -11.20
CA SER C 76 10.13 23.44 -11.51
C SER C 76 10.12 23.73 -13.01
N ALA C 77 9.00 24.21 -13.51
CA ALA C 77 8.92 24.64 -14.90
C ALA C 77 9.83 25.85 -15.17
N HIS C 78 10.23 26.58 -14.13
CA HIS C 78 10.98 27.82 -14.28
C HIS C 78 12.47 27.62 -14.06
N ASP C 79 13.30 28.50 -14.58
CA ASP C 79 14.75 28.29 -14.48
C ASP C 79 15.35 28.76 -13.17
N GLY C 80 14.59 29.52 -12.39
CA GLY C 80 15.11 30.06 -11.16
C GLY C 80 14.25 31.24 -10.80
N GLY C 81 14.35 31.67 -9.55
CA GLY C 81 13.68 32.89 -9.16
C GLY C 81 12.76 32.81 -7.98
N ALA C 82 11.81 33.72 -7.98
CA ALA C 82 10.98 33.96 -6.83
C ALA C 82 9.86 32.93 -6.76
N TYR C 83 10.27 31.68 -6.54
CA TYR C 83 9.34 30.55 -6.54
C TYR C 83 9.62 29.74 -5.30
N THR C 84 9.19 30.27 -4.17
CA THR C 84 9.52 29.72 -2.86
C THR C 84 9.17 28.25 -2.75
N GLY C 85 10.13 27.44 -2.30
CA GLY C 85 9.87 26.04 -2.10
C GLY C 85 10.18 25.17 -3.30
N GLU C 86 10.45 25.82 -4.44
CA GLU C 86 10.64 25.08 -5.67
C GLU C 86 12.11 24.77 -5.97
N ILE C 87 12.33 23.69 -6.72
CA ILE C 87 13.65 23.20 -7.10
C ILE C 87 13.84 23.24 -8.62
N SER C 88 14.91 23.88 -9.07
CA SER C 88 15.08 24.14 -10.49
C SER C 88 15.97 23.12 -11.17
N GLY C 89 15.87 23.03 -12.49
CA GLY C 89 16.82 22.24 -13.26
C GLY C 89 18.31 22.44 -13.01
N PRO C 90 18.82 23.68 -13.02
CA PRO C 90 20.26 23.84 -12.78
C PRO C 90 20.72 23.17 -11.49
N MET C 91 19.90 23.22 -10.44
CA MET C 91 20.24 22.62 -9.16
C MET C 91 20.37 21.12 -9.31
N LEU C 92 19.39 20.52 -9.96
CA LEU C 92 19.38 19.08 -10.22
C LEU C 92 20.51 18.75 -11.17
N ALA C 93 20.83 19.69 -12.06
CA ALA C 93 21.92 19.51 -13.01
C ALA C 93 23.28 19.45 -12.31
N LYS C 94 23.48 20.33 -11.32
CA LYS C 94 24.71 20.36 -10.54
C LYS C 94 24.90 19.12 -9.69
N LEU C 95 23.79 18.53 -9.24
CA LEU C 95 23.85 17.32 -8.45
C LEU C 95 24.06 16.10 -9.34
N LYS C 96 24.21 16.34 -10.64
CA LYS C 96 24.37 15.28 -11.64
C LYS C 96 23.25 14.26 -11.67
N CYS C 97 22.02 14.68 -11.40
CA CYS C 97 20.85 13.80 -11.59
C CYS C 97 20.74 13.40 -13.05
N THR C 98 20.30 12.18 -13.33
CA THR C 98 20.07 11.80 -14.72
C THR C 98 18.60 12.05 -15.09
N TYR C 99 17.71 11.62 -14.21
CA TYR C 99 16.26 11.64 -14.44
C TYR C 99 15.53 12.60 -13.55
N VAL C 100 14.29 12.89 -13.90
CA VAL C 100 13.40 13.55 -12.97
C VAL C 100 11.98 13.09 -13.28
N ALA C 101 11.30 12.55 -12.29
CA ALA C 101 9.93 12.16 -12.49
C ALA C 101 9.10 13.44 -12.62
N VAL C 102 8.19 13.48 -13.59
CA VAL C 102 7.30 14.63 -13.78
C VAL C 102 5.85 14.16 -14.01
N GLY C 103 4.91 14.78 -13.28
CA GLY C 103 3.51 14.42 -13.42
C GLY C 103 3.18 13.10 -12.77
N HIS C 104 3.92 12.72 -11.74
CA HIS C 104 3.54 11.53 -11.01
C HIS C 104 2.13 11.76 -10.54
N SER C 105 1.34 10.68 -10.53
CA SER C 105 -0.10 10.78 -10.29
C SER C 105 -0.37 11.50 -8.98
N GLU C 106 0.55 11.36 -8.02
CA GLU C 106 0.35 11.98 -6.74
C GLU C 106 0.38 13.48 -6.85
N ARG C 107 1.19 13.98 -7.78
CA ARG C 107 1.32 15.42 -7.90
C ARG C 107 0.14 15.96 -8.71
N ARG C 108 -0.35 15.14 -9.64
CA ARG C 108 -1.57 15.49 -10.34
C ARG C 108 -2.75 15.51 -9.38
N GLN C 109 -2.83 14.58 -8.44
CA GLN C 109 -3.98 14.58 -7.54
CA GLN C 109 -3.95 14.53 -7.50
C GLN C 109 -3.80 15.59 -6.43
N TYR C 110 -2.63 15.59 -5.79
CA TYR C 110 -2.40 16.46 -4.64
C TYR C 110 -1.94 17.88 -5.00
N HIS C 111 -1.37 18.11 -6.18
CA HIS C 111 -0.82 19.44 -6.45
C HIS C 111 -1.34 20.05 -7.72
N ALA C 112 -2.52 19.60 -8.17
CA ALA C 112 -3.22 20.21 -9.32
C ALA C 112 -2.31 20.43 -10.52
N GLU C 113 -1.41 19.47 -10.76
CA GLU C 113 -0.56 19.52 -11.94
C GLU C 113 -1.38 19.13 -13.15
N THR C 114 -1.35 19.98 -14.16
CA THR C 114 -2.07 19.76 -15.40
C THR C 114 -1.11 19.35 -16.52
N ASP C 115 -1.69 18.87 -17.61
CA ASP C 115 -0.90 18.57 -18.78
C ASP C 115 -0.07 19.77 -19.23
N GLU C 116 -0.57 20.98 -19.03
CA GLU C 116 0.19 22.16 -19.45
C GLU C 116 1.42 22.42 -18.57
N ILE C 117 1.25 22.35 -17.26
CA ILE C 117 2.35 22.45 -16.31
C ILE C 117 3.32 21.28 -16.48
N VAL C 118 2.76 20.08 -16.64
CA VAL C 118 3.55 18.88 -16.89
C VAL C 118 4.39 19.02 -18.17
N ASN C 119 3.80 19.59 -19.22
CA ASN C 119 4.51 19.88 -20.46
C ASN C 119 5.68 20.85 -20.23
N ALA C 120 5.46 21.82 -19.34
CA ALA C 120 6.50 22.79 -19.02
C ALA C 120 7.65 22.16 -18.20
N LYS C 121 7.30 21.21 -17.34
CA LYS C 121 8.30 20.54 -16.52
C LYS C 121 9.11 19.60 -17.40
N VAL C 122 8.43 18.96 -18.35
CA VAL C 122 9.09 18.18 -19.38
C VAL C 122 10.13 19.01 -20.14
N LYS C 123 9.74 20.22 -20.55
CA LYS C 123 10.67 21.16 -21.21
C LYS C 123 11.87 21.63 -20.36
N ALA C 124 11.61 22.05 -19.13
CA ALA C 124 12.67 22.48 -18.23
C ALA C 124 13.64 21.34 -17.99
N ALA C 125 13.11 20.12 -17.90
CA ALA C 125 13.95 18.93 -17.72
C ALA C 125 15.01 18.82 -18.80
N TYR C 126 14.55 18.77 -20.04
CA TYR C 126 15.45 18.68 -21.19
C TYR C 126 16.28 19.93 -21.31
N LYS C 127 15.69 21.07 -21.00
CA LYS C 127 16.47 22.27 -21.14
C LYS C 127 17.75 22.12 -20.29
N HIS C 128 17.80 21.35 -19.20
CA HIS C 128 19.08 21.36 -18.52
C HIS C 128 19.72 19.98 -18.38
N GLY C 129 19.43 19.15 -19.39
CA GLY C 129 20.16 17.92 -19.55
C GLY C 129 19.69 16.83 -18.63
N LEU C 130 18.47 16.99 -18.13
CA LEU C 130 17.84 15.96 -17.34
C LEU C 130 16.97 15.23 -18.30
N THR C 131 16.64 13.99 -17.99
CA THR C 131 15.72 13.22 -18.80
C THR C 131 14.43 13.09 -18.04
N PRO C 132 13.35 13.65 -18.57
CA PRO C 132 12.09 13.46 -17.85
C PRO C 132 11.53 12.06 -18.00
N ILE C 133 10.91 11.57 -16.93
CA ILE C 133 10.08 10.37 -16.95
C ILE C 133 8.65 10.86 -16.89
N LEU C 134 7.96 10.87 -18.03
CA LEU C 134 6.62 11.43 -18.10
C LEU C 134 5.59 10.40 -17.62
N CYS C 135 5.00 10.65 -16.47
CA CYS C 135 4.02 9.72 -15.90
C CYS C 135 2.62 10.07 -16.35
N VAL C 136 1.92 9.11 -16.91
CA VAL C 136 0.58 9.34 -17.38
C VAL C 136 -0.33 8.23 -16.83
N GLY C 137 -1.65 8.37 -16.99
CA GLY C 137 -2.56 7.40 -16.43
C GLY C 137 -3.94 7.95 -16.12
N GLU C 138 -4.92 7.05 -16.05
CA GLU C 138 -6.31 7.43 -15.85
C GLU C 138 -6.82 6.97 -14.48
N GLU C 139 -7.81 7.68 -13.93
CA GLU C 139 -8.37 7.24 -12.66
C GLU C 139 -9.44 6.17 -12.85
N LEU C 140 -10.22 5.92 -11.80
CA LEU C 140 -11.14 4.80 -11.78
C LEU C 140 -12.26 5.02 -12.77
N ASP C 141 -12.87 6.20 -12.71
CA ASP C 141 -14.02 6.53 -13.55
C ASP C 141 -13.76 6.33 -15.04
N VAL C 142 -12.57 6.73 -15.50
CA VAL C 142 -12.20 6.60 -16.89
C VAL C 142 -11.98 5.13 -17.30
N ARG C 143 -11.45 4.30 -16.41
CA ARG C 143 -11.22 2.90 -16.75
C ARG C 143 -12.52 2.14 -16.92
N GLU C 144 -13.47 2.41 -16.03
CA GLU C 144 -14.77 1.79 -16.11
C GLU C 144 -15.59 2.33 -17.30
N ALA C 145 -15.36 3.57 -17.70
CA ALA C 145 -16.02 4.10 -18.89
C ALA C 145 -15.37 3.48 -20.13
N GLY C 146 -14.25 2.80 -19.91
CA GLY C 146 -13.52 2.14 -20.96
C GLY C 146 -12.73 3.09 -21.86
N ASN C 147 -12.42 4.28 -21.36
CA ASN C 147 -11.74 5.30 -22.15
C ASN C 147 -10.28 5.50 -21.79
N HIS C 148 -9.78 4.60 -20.93
CA HIS C 148 -8.42 4.64 -20.42
C HIS C 148 -7.33 4.93 -21.46
N VAL C 149 -7.40 4.26 -22.60
CA VAL C 149 -6.41 4.46 -23.66
C VAL C 149 -6.39 5.88 -24.28
N GLU C 150 -7.56 6.44 -24.55
CA GLU C 150 -7.66 7.79 -25.14
C GLU C 150 -7.19 8.84 -24.13
N HIS C 151 -7.61 8.66 -22.88
CA HIS C 151 -7.35 9.58 -21.78
C HIS C 151 -5.86 9.70 -21.51
N THR C 152 -5.23 8.54 -21.38
CA THR C 152 -3.79 8.38 -21.25
C THR C 152 -3.02 8.95 -22.44
N LEU C 153 -3.53 8.81 -23.66
CA LEU C 153 -2.81 9.31 -24.83
C LEU C 153 -2.84 10.84 -24.98
N ALA C 154 -3.94 11.47 -24.57
CA ALA C 154 -4.02 12.94 -24.56
C ALA C 154 -3.00 13.47 -23.58
N GLN C 155 -2.84 12.74 -22.48
CA GLN C 155 -1.87 13.04 -21.47
C GLN C 155 -0.46 12.94 -22.04
N VAL C 156 -0.22 11.94 -22.87
CA VAL C 156 1.08 11.77 -23.52
C VAL C 156 1.36 12.90 -24.49
N GLU C 157 0.36 13.18 -25.32
CA GLU C 157 0.45 14.24 -26.30
C GLU C 157 0.58 15.58 -25.60
N GLY C 158 -0.23 15.77 -24.56
CA GLY C 158 -0.16 16.98 -23.77
C GLY C 158 1.21 17.22 -23.16
N GLY C 159 1.75 16.17 -22.56
CA GLY C 159 3.07 16.22 -21.95
C GLY C 159 4.19 16.50 -22.95
N LEU C 160 4.03 16.03 -24.18
CA LEU C 160 5.11 16.12 -25.17
C LEU C 160 4.90 17.26 -26.18
N LYS C 161 3.91 18.10 -25.94
CA LYS C 161 3.57 19.09 -26.96
C LYS C 161 4.76 20.02 -27.20
N ASP C 162 5.09 20.24 -28.46
CA ASP C 162 6.18 21.12 -28.90
C ASP C 162 7.55 20.62 -28.48
N LEU C 163 7.63 19.33 -28.17
CA LEU C 163 8.92 18.71 -27.91
C LEU C 163 9.46 18.14 -29.18
N ALA C 164 10.61 18.66 -29.62
CA ALA C 164 11.24 18.22 -30.86
C ALA C 164 11.71 16.79 -30.75
N ALA C 165 11.88 16.12 -31.88
CA ALA C 165 12.27 14.73 -31.87
C ALA C 165 13.63 14.45 -31.22
N GLU C 166 14.62 15.33 -31.36
CA GLU C 166 15.92 14.96 -30.77
C GLU C 166 15.90 15.00 -29.25
N GLN C 167 14.97 15.78 -28.66
CA GLN C 167 14.74 15.72 -27.21
C GLN C 167 13.87 14.51 -26.95
N ALA C 168 12.73 14.49 -27.64
CA ALA C 168 11.71 13.49 -27.40
C ALA C 168 12.23 12.06 -27.54
N GLU C 169 13.28 11.84 -28.32
CA GLU C 169 13.77 10.48 -28.54
C GLU C 169 14.29 9.75 -27.31
N SER C 170 14.72 10.50 -26.29
CA SER C 170 15.31 9.91 -25.08
C SER C 170 14.34 9.92 -23.89
N VAL C 171 13.11 10.36 -24.15
CA VAL C 171 12.13 10.46 -23.09
C VAL C 171 11.76 9.08 -22.57
N VAL C 172 11.35 9.04 -21.31
CA VAL C 172 10.82 7.84 -20.72
C VAL C 172 9.38 8.11 -20.37
N ILE C 173 8.50 7.20 -20.72
CA ILE C 173 7.12 7.33 -20.35
C ILE C 173 6.83 6.24 -19.35
N ALA C 174 6.19 6.57 -18.23
CA ALA C 174 5.75 5.57 -17.27
C ALA C 174 4.21 5.60 -17.13
N TYR C 175 3.56 4.45 -17.32
CA TYR C 175 2.10 4.32 -17.20
C TYR C 175 1.63 3.97 -15.79
N GLU C 176 0.79 4.82 -15.20
CA GLU C 176 0.21 4.56 -13.88
C GLU C 176 -1.26 4.13 -13.93
N PRO C 177 -1.55 2.85 -13.63
CA PRO C 177 -2.97 2.48 -13.49
C PRO C 177 -3.55 2.94 -12.13
N VAL C 178 -3.88 4.22 -12.04
CA VAL C 178 -4.33 4.82 -10.78
C VAL C 178 -5.71 4.28 -10.39
N TRP C 179 -6.43 3.74 -11.37
CA TRP C 179 -7.71 3.07 -11.15
C TRP C 179 -7.56 1.79 -10.33
N ALA C 180 -6.31 1.39 -10.12
CA ALA C 180 -5.97 0.18 -9.39
C ALA C 180 -5.09 0.62 -8.23
N ILE C 181 -5.65 1.51 -7.43
CA ILE C 181 -5.05 2.08 -6.23
C ILE C 181 -6.13 2.21 -5.17
N GLY C 182 -6.24 1.23 -4.29
CA GLY C 182 -7.24 1.34 -3.25
C GLY C 182 -8.64 0.93 -3.68
N THR C 183 -8.74 0.12 -4.73
CA THR C 183 -10.03 -0.20 -5.34
C THR C 183 -10.33 -1.70 -5.12
N GLY C 184 -9.26 -2.45 -4.84
CA GLY C 184 -9.29 -3.90 -4.60
C GLY C 184 -9.13 -4.75 -5.86
N LYS C 185 -9.38 -4.11 -7.00
CA LYS C 185 -9.16 -4.72 -8.31
C LYS C 185 -7.75 -4.44 -8.86
N VAL C 186 -7.25 -5.43 -9.57
CA VAL C 186 -5.88 -5.50 -10.08
C VAL C 186 -5.71 -5.11 -11.57
N CYS C 187 -4.56 -4.50 -11.88
CA CYS C 187 -4.17 -4.23 -13.26
C CYS C 187 -3.26 -5.34 -13.78
N GLY C 188 -3.78 -6.19 -14.67
CA GLY C 188 -3.03 -7.33 -15.17
C GLY C 188 -1.92 -6.95 -16.13
N ALA C 189 -1.00 -7.87 -16.36
CA ALA C 189 0.10 -7.62 -17.29
C ALA C 189 -0.39 -7.39 -18.71
N ASP C 190 -1.45 -8.10 -19.07
CA ASP C 190 -2.12 -7.93 -20.34
C ASP C 190 -2.66 -6.50 -20.46
N ASP C 191 -3.27 -6.03 -19.37
CA ASP C 191 -3.89 -4.70 -19.30
C ASP C 191 -2.88 -3.57 -19.52
N ALA C 192 -1.71 -3.72 -18.90
CA ALA C 192 -0.65 -2.72 -19.01
C ALA C 192 -0.05 -2.70 -20.41
N GLN C 193 0.14 -3.88 -20.98
CA GLN C 193 0.67 -4.03 -22.35
C GLN C 193 -0.22 -3.30 -23.33
N GLU C 194 -1.52 -3.34 -23.10
CA GLU C 194 -2.48 -2.69 -23.96
C GLU C 194 -2.19 -1.22 -24.02
N VAL C 195 -2.00 -0.65 -22.84
CA VAL C 195 -1.72 0.78 -22.72
C VAL C 195 -0.35 1.16 -23.25
N CYS C 196 0.67 0.41 -22.85
CA CYS C 196 2.03 0.74 -23.26
C CYS C 196 2.20 0.58 -24.76
N ALA C 197 1.36 -0.27 -25.35
CA ALA C 197 1.30 -0.45 -26.80
C ALA C 197 0.67 0.75 -27.45
N ALA C 198 -0.51 1.12 -26.95
CA ALA C 198 -1.24 2.30 -27.42
C ALA C 198 -0.34 3.54 -27.37
N ILE C 199 0.36 3.67 -26.24
CA ILE C 199 1.28 4.77 -26.01
C ILE C 199 2.40 4.79 -27.04
N ARG C 200 3.01 3.63 -27.32
CA ARG C 200 4.09 3.56 -28.32
C ARG C 200 3.63 3.90 -29.74
N GLY C 201 2.41 3.50 -30.07
CA GLY C 201 1.82 3.86 -31.33
C GLY C 201 1.62 5.37 -31.38
N LYS C 202 1.20 5.97 -30.27
CA LYS C 202 1.02 7.41 -30.24
C LYS C 202 2.32 8.17 -30.47
N LEU C 203 3.43 7.69 -29.91
CA LEU C 203 4.72 8.32 -30.20
C LEU C 203 5.06 8.28 -31.70
N ALA C 204 4.69 7.17 -32.33
CA ALA C 204 4.97 6.98 -33.74
C ALA C 204 4.25 8.04 -34.58
N GLU C 205 2.97 8.28 -34.26
CA GLU C 205 2.20 9.30 -34.96
C GLU C 205 2.84 10.66 -34.81
N LEU C 206 3.11 11.00 -33.55
CA LEU C 206 3.65 12.29 -33.19
C LEU C 206 5.04 12.48 -33.74
N TYR C 207 5.77 11.38 -33.88
CA TYR C 207 7.12 11.48 -34.38
C TYR C 207 7.38 10.49 -35.52
N SER C 208 7.96 9.34 -35.18
CA SER C 208 8.29 8.32 -36.15
C SER C 208 8.35 6.98 -35.46
N GLN C 209 8.12 5.91 -36.21
CA GLN C 209 8.18 4.58 -35.63
C GLN C 209 9.58 4.31 -35.18
N GLU C 210 10.51 4.89 -35.92
CA GLU C 210 11.92 4.84 -35.61
C GLU C 210 12.22 5.45 -34.25
N LEU C 211 11.52 6.54 -33.92
CA LEU C 211 11.69 7.20 -32.64
C LEU C 211 10.92 6.45 -31.59
N ALA C 212 9.68 6.15 -31.92
CA ALA C 212 8.76 5.49 -31.01
C ALA C 212 9.32 4.16 -30.51
N ASP C 213 10.22 3.56 -31.30
CA ASP C 213 10.83 2.28 -30.98
C ASP C 213 12.01 2.41 -30.07
N LYS C 214 12.47 3.64 -29.84
CA LYS C 214 13.61 3.82 -28.95
C LYS C 214 13.20 4.22 -27.54
N VAL C 215 11.97 4.68 -27.40
CA VAL C 215 11.49 5.24 -26.15
C VAL C 215 11.05 4.12 -25.20
N ARG C 216 11.67 4.09 -24.02
CA ARG C 216 11.32 3.10 -23.02
C ARG C 216 10.06 3.53 -22.29
N ILE C 217 9.09 2.63 -22.27
CA ILE C 217 7.81 2.87 -21.62
C ILE C 217 7.74 1.96 -20.40
N GLN C 218 7.71 2.57 -19.21
CA GLN C 218 7.70 1.82 -17.95
C GLN C 218 6.29 1.52 -17.46
N TYR C 219 6.15 0.48 -16.64
CA TYR C 219 4.89 0.28 -15.92
C TYR C 219 5.02 0.85 -14.51
N GLY C 220 4.08 1.68 -14.10
CA GLY C 220 4.22 2.34 -12.81
C GLY C 220 3.21 1.97 -11.76
N GLY C 221 2.44 0.92 -12.04
CA GLY C 221 1.53 0.36 -11.07
C GLY C 221 2.31 -0.44 -10.06
N SER C 222 1.60 -1.23 -9.25
CA SER C 222 2.22 -2.06 -8.23
C SER C 222 3.15 -3.13 -8.84
N VAL C 223 4.46 -2.97 -8.61
CA VAL C 223 5.43 -3.91 -9.14
C VAL C 223 6.08 -4.65 -7.97
N LYS C 224 5.91 -5.97 -7.96
CA LYS C 224 6.44 -6.79 -6.90
C LYS C 224 7.39 -7.84 -7.48
N SER C 225 8.16 -8.51 -6.64
CA SER C 225 9.02 -9.59 -7.10
C SER C 225 8.17 -10.68 -7.72
N GLY C 226 6.98 -10.89 -7.17
CA GLY C 226 6.10 -11.93 -7.66
C GLY C 226 5.59 -11.75 -9.09
N ASN C 227 5.20 -10.54 -9.47
CA ASN C 227 4.66 -10.28 -10.80
C ASN C 227 5.63 -9.76 -11.86
N VAL C 228 6.81 -9.28 -11.48
CA VAL C 228 7.66 -8.47 -12.36
C VAL C 228 8.11 -9.12 -13.68
N ALA C 229 8.30 -10.44 -13.70
CA ALA C 229 8.77 -11.15 -14.89
C ALA C 229 7.70 -11.13 -15.98
N GLU C 230 6.48 -11.42 -15.57
CA GLU C 230 5.31 -11.48 -16.42
C GLU C 230 5.04 -10.15 -17.12
N ILE C 231 5.21 -9.08 -16.36
CA ILE C 231 5.13 -7.70 -16.85
C ILE C 231 6.22 -7.38 -17.88
N MET C 232 7.47 -7.72 -17.56
CA MET C 232 8.61 -7.42 -18.44
C MET C 232 8.66 -8.25 -19.73
N ALA C 233 7.99 -9.39 -19.74
CA ALA C 233 7.99 -10.25 -20.91
C ALA C 233 6.98 -9.72 -21.93
N LYS C 234 6.21 -8.74 -21.50
CA LYS C 234 5.37 -8.02 -22.43
C LYS C 234 6.26 -7.18 -23.35
N PRO C 235 5.98 -7.25 -24.66
CA PRO C 235 6.86 -6.72 -25.68
C PRO C 235 7.04 -5.20 -25.60
N ASP C 236 6.12 -4.51 -24.94
CA ASP C 236 6.23 -3.04 -24.88
C ASP C 236 6.38 -2.39 -23.48
N ILE C 237 6.54 -3.19 -22.44
CA ILE C 237 6.92 -2.61 -21.15
C ILE C 237 8.44 -2.74 -21.04
N ASP C 238 9.12 -1.60 -20.87
CA ASP C 238 10.58 -1.56 -20.92
C ASP C 238 11.15 -1.28 -19.56
N GLY C 239 10.40 -1.60 -18.51
CA GLY C 239 10.86 -1.31 -17.16
C GLY C 239 9.74 -1.00 -16.20
N ALA C 240 10.10 -0.61 -14.98
CA ALA C 240 9.11 -0.42 -13.94
C ALA C 240 9.41 0.82 -13.13
N LEU C 241 8.38 1.62 -12.87
CA LEU C 241 8.53 2.76 -11.99
C LEU C 241 8.08 2.27 -10.63
N VAL C 242 9.03 1.79 -9.81
CA VAL C 242 8.68 1.05 -8.61
C VAL C 242 8.37 2.02 -7.48
N GLY C 243 7.22 1.80 -6.86
CA GLY C 243 6.81 2.54 -5.69
C GLY C 243 7.44 1.87 -4.48
N GLY C 244 6.58 1.40 -3.58
CA GLY C 244 7.02 0.90 -2.29
C GLY C 244 8.10 -0.17 -2.25
N ALA C 245 8.08 -1.10 -3.19
CA ALA C 245 9.04 -2.20 -3.13
C ALA C 245 10.46 -1.66 -3.33
N SER C 246 10.56 -0.43 -3.82
CA SER C 246 11.86 0.21 -4.05
C SER C 246 12.58 0.54 -2.76
N LEU C 247 11.81 0.59 -1.68
CA LEU C 247 12.37 0.85 -0.35
C LEU C 247 12.96 -0.40 0.28
N ASP C 248 12.62 -1.55 -0.30
CA ASP C 248 13.07 -2.84 0.18
C ASP C 248 14.19 -3.39 -0.73
N SER C 249 15.39 -3.46 -0.18
CA SER C 249 16.57 -3.85 -0.94
C SER C 249 16.40 -5.21 -1.66
N ASP C 250 15.88 -6.22 -0.96
CA ASP C 250 15.68 -7.55 -1.56
C ASP C 250 14.76 -7.55 -2.75
N GLU C 251 13.65 -6.84 -2.61
CA GLU C 251 12.62 -6.86 -3.61
C GLU C 251 13.00 -6.04 -4.83
N PHE C 252 13.77 -4.97 -4.64
CA PHE C 252 14.18 -4.15 -5.79
C PHE C 252 15.22 -4.87 -6.64
N VAL C 253 16.19 -5.51 -5.99
CA VAL C 253 17.19 -6.34 -6.68
C VAL C 253 16.52 -7.49 -7.42
N LYS C 254 15.55 -8.13 -6.78
CA LYS C 254 14.76 -9.16 -7.46
C LYS C 254 14.10 -8.56 -8.69
N ILE C 255 13.55 -7.36 -8.53
CA ILE C 255 12.86 -6.69 -9.63
C ILE C 255 13.84 -6.34 -10.75
N VAL C 256 15.00 -5.80 -10.39
CA VAL C 256 16.05 -5.53 -11.38
C VAL C 256 16.47 -6.80 -12.11
N ARG C 257 16.44 -7.92 -11.40
CA ARG C 257 16.72 -9.22 -11.97
C ARG C 257 15.41 -9.90 -12.29
N PHE C 258 14.64 -9.24 -13.14
CA PHE C 258 13.31 -9.71 -13.42
C PHE C 258 13.28 -11.05 -14.15
N ARG C 259 14.40 -11.40 -14.78
CA ARG C 259 14.46 -12.67 -15.52
C ARG C 259 14.48 -13.95 -14.67
N ASP C 260 14.48 -13.79 -13.35
CA ASP C 260 14.60 -14.91 -12.43
C ASP C 260 13.33 -15.16 -11.63
N THR D 6 12.89 41.80 26.26
CA THR D 6 12.43 42.19 24.93
C THR D 6 12.82 41.13 23.86
N ARG D 7 12.27 41.26 22.66
CA ARG D 7 12.35 40.21 21.62
C ARG D 7 13.59 40.32 20.75
N THR D 8 14.42 39.28 20.75
CA THR D 8 15.57 39.26 19.84
C THR D 8 15.05 39.16 18.38
N PRO D 9 15.38 40.16 17.54
CA PRO D 9 14.91 40.20 16.16
C PRO D 9 15.42 39.04 15.31
N LEU D 10 14.65 38.70 14.29
CA LEU D 10 15.01 37.60 13.41
C LEU D 10 15.07 38.08 11.96
N MET D 11 16.25 37.97 11.37
CA MET D 11 16.40 38.31 9.96
C MET D 11 16.57 36.97 9.26
N ALA D 12 15.57 36.58 8.48
CA ALA D 12 15.64 35.30 7.77
C ALA D 12 15.80 35.57 6.29
N GLY D 13 16.88 35.06 5.73
CA GLY D 13 17.15 35.22 4.33
C GLY D 13 16.46 34.15 3.51
N ASN D 14 15.43 34.57 2.79
CA ASN D 14 14.71 33.67 1.90
C ASN D 14 15.33 33.74 0.52
N TRP D 15 16.18 32.77 0.22
CA TRP D 15 16.84 32.67 -1.08
C TRP D 15 15.88 32.39 -2.22
N LYS D 16 14.73 31.82 -1.88
CA LYS D 16 13.76 31.32 -2.84
C LYS D 16 14.45 30.29 -3.74
N MET D 17 14.08 30.21 -5.01
CA MET D 17 14.69 29.20 -5.87
C MET D 17 15.97 29.73 -6.53
N ASN D 18 16.99 29.98 -5.71
CA ASN D 18 18.29 30.45 -6.19
C ASN D 18 19.40 29.77 -5.40
N LEU D 19 20.58 29.67 -6.04
CA LEU D 19 21.84 29.11 -5.50
C LEU D 19 21.90 27.61 -5.57
N ASN D 20 22.87 27.06 -6.30
CA ASN D 20 23.05 25.61 -6.26
C ASN D 20 23.85 25.29 -5.03
N HIS D 21 24.18 24.01 -4.81
CA HIS D 21 24.76 23.62 -3.55
C HIS D 21 26.18 24.17 -3.34
N LEU D 22 26.90 24.47 -4.41
CA LEU D 22 28.23 25.06 -4.27
C LEU D 22 28.12 26.58 -4.00
N GLU D 23 27.18 27.22 -4.69
CA GLU D 23 26.87 28.62 -4.46
C GLU D 23 26.32 28.83 -3.07
N ALA D 24 25.63 27.82 -2.56
CA ALA D 24 25.02 27.89 -1.25
C ALA D 24 26.09 28.01 -0.19
N ILE D 25 27.10 27.16 -0.32
CA ILE D 25 28.28 27.16 0.55
C ILE D 25 29.02 28.50 0.44
N ALA D 26 29.30 28.91 -0.80
CA ALA D 26 30.01 30.16 -1.09
C ALA D 26 29.34 31.37 -0.48
N HIS D 27 28.02 31.45 -0.59
CA HIS D 27 27.32 32.63 -0.09
C HIS D 27 27.33 32.67 1.44
N VAL D 28 27.03 31.53 2.06
CA VAL D 28 27.03 31.46 3.52
C VAL D 28 28.44 31.70 4.09
N GLN D 29 29.47 31.27 3.36
CA GLN D 29 30.86 31.65 3.64
C GLN D 29 31.10 33.17 3.59
N LYS D 30 30.62 33.83 2.54
CA LYS D 30 30.65 35.30 2.46
C LYS D 30 30.08 35.98 3.66
N LEU D 31 28.88 35.54 4.01
CA LEU D 31 28.10 36.12 5.07
C LEU D 31 28.89 36.04 6.37
N ALA D 32 29.42 34.86 6.64
CA ALA D 32 30.15 34.61 7.88
C ALA D 32 31.45 35.39 7.91
N PHE D 33 31.98 35.63 6.73
CA PHE D 33 33.18 36.43 6.58
C PHE D 33 32.85 37.87 6.98
N ALA D 34 31.66 38.31 6.60
CA ALA D 34 31.24 39.71 6.78
C ALA D 34 30.58 40.05 8.13
N LEU D 35 30.13 39.03 8.87
CA LEU D 35 29.47 39.27 10.16
C LEU D 35 30.37 39.14 11.38
N ALA D 36 30.11 39.96 12.40
CA ALA D 36 30.92 39.91 13.60
C ALA D 36 30.07 39.52 14.79
N ASP D 37 30.76 39.16 15.86
CA ASP D 37 30.15 38.67 17.06
C ASP D 37 29.04 39.64 17.54
N LYS D 38 29.29 40.93 17.37
CA LYS D 38 28.33 41.97 17.75
C LYS D 38 27.04 41.93 16.91
N ASP D 39 27.15 41.39 15.70
CA ASP D 39 26.01 41.21 14.81
C ASP D 39 25.07 40.08 15.23
N TYR D 40 25.64 38.92 15.54
CA TYR D 40 24.89 37.77 16.06
C TYR D 40 24.37 37.99 17.48
N ASP D 41 25.05 38.84 18.22
CA ASP D 41 24.74 39.12 19.61
C ASP D 41 23.43 39.85 19.72
N ALA D 42 23.14 40.69 18.74
CA ALA D 42 21.96 41.55 18.78
C ALA D 42 20.81 41.02 17.92
N VAL D 43 21.14 40.17 16.95
CA VAL D 43 20.20 39.73 15.94
C VAL D 43 20.34 38.23 15.68
N GLU D 44 19.21 37.57 15.44
CA GLU D 44 19.23 36.20 14.96
C GLU D 44 19.25 36.22 13.44
N VAL D 45 20.21 35.51 12.85
CA VAL D 45 20.38 35.51 11.39
C VAL D 45 20.00 34.16 10.79
N ALA D 46 19.18 34.18 9.76
CA ALA D 46 18.77 32.93 9.17
C ALA D 46 18.76 33.01 7.69
N VAL D 47 19.09 31.88 7.05
CA VAL D 47 19.01 31.76 5.60
C VAL D 47 18.13 30.55 5.28
N LEU D 48 17.16 30.73 4.39
CA LEU D 48 16.28 29.62 4.04
C LEU D 48 16.65 29.12 2.66
N ALA D 49 17.25 27.93 2.61
CA ALA D 49 17.84 27.44 1.38
C ALA D 49 16.93 26.41 0.71
N PRO D 50 17.02 26.30 -0.62
CA PRO D 50 16.32 25.25 -1.33
C PRO D 50 16.70 23.89 -0.75
N PHE D 51 15.75 22.94 -0.75
CA PHE D 51 15.98 21.60 -0.20
C PHE D 51 17.33 21.03 -0.58
N THR D 52 17.65 21.15 -1.85
CA THR D 52 18.86 20.54 -2.39
C THR D 52 20.15 21.12 -1.83
N ASP D 53 20.06 22.26 -1.16
CA ASP D 53 21.24 22.95 -0.62
C ASP D 53 21.49 22.72 0.87
N LEU D 54 20.54 22.09 1.55
CA LEU D 54 20.53 22.03 3.02
C LEU D 54 21.60 21.13 3.62
N ARG D 55 21.95 20.03 2.93
CA ARG D 55 23.02 19.18 3.41
C ARG D 55 24.35 19.93 3.35
N SER D 56 24.56 20.64 2.24
CA SER D 56 25.76 21.43 2.03
C SER D 56 25.92 22.55 3.05
N VAL D 57 24.83 23.21 3.37
CA VAL D 57 24.85 24.32 4.34
C VAL D 57 25.03 23.80 5.77
N GLN D 58 24.43 22.66 6.07
CA GLN D 58 24.59 22.03 7.38
C GLN D 58 26.03 21.58 7.69
N THR D 59 26.66 20.93 6.73
CA THR D 59 28.03 20.46 6.93
C THR D 59 29.01 21.65 7.05
N LEU D 60 28.75 22.71 6.30
CA LEU D 60 29.55 23.92 6.40
C LEU D 60 29.32 24.60 7.74
N VAL D 61 28.07 24.74 8.13
CA VAL D 61 27.77 25.48 9.35
C VAL D 61 28.31 24.72 10.55
N ASP D 62 28.16 23.40 10.56
CA ASP D 62 28.78 22.58 11.61
C ASP D 62 30.28 22.54 11.49
N GLY D 63 30.79 22.57 10.26
CA GLY D 63 32.21 22.46 9.98
C GLY D 63 32.98 23.63 10.52
N ASP D 64 32.63 24.85 10.10
CA ASP D 64 33.27 26.08 10.57
C ASP D 64 32.61 26.64 11.83
N LYS D 65 31.75 25.82 12.46
CA LYS D 65 30.97 26.16 13.65
C LYS D 65 30.36 27.56 13.59
N LEU D 66 29.55 27.83 12.56
CA LEU D 66 28.97 29.17 12.36
C LEU D 66 27.77 29.45 13.24
N LYS D 67 27.48 30.75 13.41
CA LYS D 67 26.35 31.20 14.22
C LYS D 67 25.08 31.44 13.41
N ILE D 68 25.18 31.28 12.10
CA ILE D 68 24.05 31.52 11.18
C ILE D 68 23.06 30.37 11.22
N LYS D 69 21.77 30.68 11.34
CA LYS D 69 20.75 29.63 11.36
C LYS D 69 20.25 29.35 9.94
N TYR D 70 19.74 28.17 9.69
CA TYR D 70 19.21 27.93 8.36
C TYR D 70 17.88 27.23 8.46
N GLY D 71 17.18 27.17 7.34
CA GLY D 71 15.85 26.65 7.34
C GLY D 71 15.46 26.28 5.94
N ALA D 72 14.27 25.71 5.81
CA ALA D 72 13.73 25.32 4.53
C ALA D 72 12.71 26.35 4.11
N GLN D 73 12.26 26.25 2.88
CA GLN D 73 11.29 27.17 2.32
C GLN D 73 9.88 26.55 2.29
N ASP D 74 9.77 25.31 2.75
CA ASP D 74 8.50 24.59 2.70
C ASP D 74 8.61 23.28 3.44
N ILE D 75 7.46 22.69 3.77
CA ILE D 75 7.40 21.41 4.44
C ILE D 75 6.10 20.65 4.13
N SER D 76 6.19 19.32 4.13
CA SER D 76 5.05 18.46 3.93
C SER D 76 4.19 18.46 5.19
N ALA D 77 2.88 18.45 5.01
CA ALA D 77 1.94 18.29 6.10
C ALA D 77 2.04 16.90 6.76
N HIS D 78 2.61 15.93 6.05
CA HIS D 78 2.71 14.52 6.48
C HIS D 78 4.09 14.13 7.01
N ASP D 79 4.15 13.03 7.77
CA ASP D 79 5.39 12.61 8.41
C ASP D 79 6.30 11.78 7.52
N GLY D 80 5.77 11.31 6.41
CA GLY D 80 6.50 10.43 5.51
C GLY D 80 5.46 9.68 4.70
N GLY D 81 5.91 9.01 3.63
CA GLY D 81 5.04 8.13 2.89
C GLY D 81 4.92 8.45 1.42
N ALA D 82 3.80 8.05 0.82
CA ALA D 82 3.65 8.08 -0.63
C ALA D 82 3.30 9.47 -1.15
N TYR D 83 4.22 10.41 -0.99
CA TYR D 83 4.01 11.82 -1.36
C TYR D 83 5.16 12.31 -2.21
N THR D 84 5.16 11.86 -3.47
CA THR D 84 6.25 12.11 -4.41
C THR D 84 6.50 13.61 -4.57
N GLY D 85 7.78 13.99 -4.38
CA GLY D 85 8.27 15.34 -4.53
C GLY D 85 8.31 16.13 -3.24
N GLU D 86 7.68 15.59 -2.20
CA GLU D 86 7.53 16.29 -0.90
C GLU D 86 8.63 15.95 0.09
N ILE D 87 8.87 16.89 1.01
CA ILE D 87 9.91 16.79 2.05
C ILE D 87 9.35 16.82 3.49
N SER D 88 9.75 15.85 4.31
CA SER D 88 9.11 15.66 5.62
C SER D 88 9.84 16.34 6.79
N GLY D 89 9.11 16.54 7.89
CA GLY D 89 9.67 16.97 9.15
C GLY D 89 10.88 16.17 9.61
N PRO D 90 10.77 14.84 9.63
CA PRO D 90 11.96 14.07 10.00
C PRO D 90 13.18 14.40 9.12
N MET D 91 13.00 14.66 7.83
CA MET D 91 14.09 15.02 6.93
C MET D 91 14.71 16.36 7.27
N LEU D 92 13.87 17.37 7.44
CA LEU D 92 14.39 18.71 7.73
C LEU D 92 15.10 18.76 9.08
N ALA D 93 14.58 17.99 10.04
CA ALA D 93 15.17 17.89 11.37
C ALA D 93 16.52 17.16 11.33
N LYS D 94 16.62 16.09 10.55
CA LYS D 94 17.89 15.37 10.43
C LYS D 94 19.01 16.27 9.89
N LEU D 95 18.60 17.25 9.09
CA LEU D 95 19.45 18.31 8.55
C LEU D 95 19.63 19.46 9.54
N LYS D 96 19.06 19.31 10.73
CA LYS D 96 19.18 20.33 11.79
C LYS D 96 18.72 21.73 11.35
N CYS D 97 17.65 21.78 10.57
CA CYS D 97 16.99 23.04 10.28
C CYS D 97 16.49 23.68 11.57
N THR D 98 16.52 25.02 11.64
CA THR D 98 15.94 25.70 12.78
C THR D 98 14.53 26.12 12.39
N TYR D 99 14.39 26.68 11.19
CA TYR D 99 13.14 27.25 10.67
C TYR D 99 12.58 26.55 9.43
N VAL D 100 11.32 26.82 9.13
CA VAL D 100 10.77 26.51 7.82
C VAL D 100 9.59 27.43 7.58
N ALA D 101 9.62 28.15 6.46
CA ALA D 101 8.51 28.99 6.03
C ALA D 101 7.34 28.12 5.56
N VAL D 102 6.12 28.51 5.93
CA VAL D 102 4.91 27.80 5.51
C VAL D 102 3.87 28.80 5.01
N GLY D 103 3.28 28.50 3.86
CA GLY D 103 2.27 29.38 3.32
C GLY D 103 2.83 30.66 2.77
N HIS D 104 4.07 30.63 2.30
CA HIS D 104 4.59 31.79 1.64
C HIS D 104 3.64 32.10 0.51
N SER D 105 3.39 33.38 0.26
CA SER D 105 2.35 33.80 -0.69
C SER D 105 2.53 33.17 -2.08
N GLU D 106 3.77 32.88 -2.44
CA GLU D 106 4.05 32.28 -3.72
C GLU D 106 3.47 30.86 -3.75
N ARG D 107 3.52 30.13 -2.62
CA ARG D 107 2.97 28.76 -2.56
C ARG D 107 1.44 28.80 -2.39
N ARG D 108 0.96 29.81 -1.68
CA ARG D 108 -0.47 30.08 -1.58
C ARG D 108 -1.04 30.43 -2.95
N GLN D 109 -0.20 31.05 -3.77
CA GLN D 109 -0.60 31.43 -5.11
C GLN D 109 -0.42 30.33 -6.15
N TYR D 110 0.82 29.89 -6.31
CA TYR D 110 1.14 28.99 -7.40
C TYR D 110 0.77 27.54 -7.05
N HIS D 111 0.61 27.26 -5.76
CA HIS D 111 0.38 25.88 -5.32
C HIS D 111 -0.86 25.72 -4.44
N ALA D 112 -1.81 26.66 -4.54
CA ALA D 112 -3.15 26.61 -3.92
C ALA D 112 -3.12 26.19 -2.45
N GLU D 113 -2.15 26.70 -1.70
CA GLU D 113 -2.12 26.44 -0.28
C GLU D 113 -3.22 27.22 0.43
N THR D 114 -3.99 26.47 1.20
CA THR D 114 -5.14 26.97 1.92
C THR D 114 -4.73 27.11 3.38
N ASP D 115 -5.47 27.86 4.19
CA ASP D 115 -5.19 27.94 5.62
C ASP D 115 -5.15 26.55 6.24
N GLU D 116 -6.03 25.67 5.76
CA GLU D 116 -6.16 24.33 6.35
C GLU D 116 -4.87 23.53 6.09
N ILE D 117 -4.35 23.64 4.88
CA ILE D 117 -3.08 23.05 4.48
C ILE D 117 -1.85 23.63 5.25
N VAL D 118 -1.78 24.96 5.32
CA VAL D 118 -0.75 25.68 6.06
C VAL D 118 -0.79 25.38 7.55
N ASN D 119 -2.01 25.26 8.09
CA ASN D 119 -2.19 24.92 9.49
C ASN D 119 -1.52 23.58 9.74
N ALA D 120 -1.66 22.69 8.77
CA ALA D 120 -1.09 21.35 8.87
C ALA D 120 0.43 21.37 8.77
N LYS D 121 0.96 22.30 8.00
CA LYS D 121 2.41 22.36 7.86
C LYS D 121 2.98 22.90 9.16
N VAL D 122 2.30 23.88 9.75
CA VAL D 122 2.67 24.39 11.07
C VAL D 122 2.77 23.27 12.11
N LYS D 123 1.73 22.44 12.19
CA LYS D 123 1.73 21.29 13.08
C LYS D 123 2.79 20.27 12.73
N ALA D 124 2.92 19.99 11.44
CA ALA D 124 3.93 19.06 11.01
C ALA D 124 5.28 19.57 11.47
N ALA D 125 5.48 20.90 11.36
CA ALA D 125 6.71 21.56 11.81
C ALA D 125 7.03 21.33 13.29
N TYR D 126 6.11 21.68 14.16
CA TYR D 126 6.34 21.51 15.59
C TYR D 126 6.49 20.05 15.98
N LYS D 127 5.72 19.20 15.32
CA LYS D 127 5.78 17.79 15.66
C LYS D 127 7.22 17.26 15.57
N HIS D 128 8.02 17.84 14.68
CA HIS D 128 9.37 17.36 14.44
C HIS D 128 10.45 18.37 14.86
N GLY D 129 10.03 19.34 15.67
CA GLY D 129 10.93 20.24 16.37
C GLY D 129 11.46 21.42 15.57
N LEU D 130 10.82 21.70 14.46
CA LEU D 130 11.19 22.87 13.66
C LEU D 130 10.37 24.05 14.12
N THR D 131 10.85 25.26 13.85
CA THR D 131 10.05 26.42 14.20
C THR D 131 9.50 26.99 12.92
N PRO D 132 8.18 26.88 12.77
CA PRO D 132 7.60 27.40 11.53
C PRO D 132 7.54 28.92 11.48
N ILE D 133 7.75 29.46 10.29
CA ILE D 133 7.52 30.87 10.01
C ILE D 133 6.25 30.98 9.21
N LEU D 134 5.18 31.37 9.89
CA LEU D 134 3.87 31.41 9.26
C LEU D 134 3.69 32.68 8.47
N CYS D 135 3.67 32.58 7.14
CA CYS D 135 3.48 33.78 6.35
C CYS D 135 2.01 34.05 6.09
N VAL D 136 1.60 35.26 6.44
CA VAL D 136 0.24 35.73 6.26
C VAL D 136 0.29 37.09 5.59
N GLY D 137 -0.86 37.58 5.13
CA GLY D 137 -0.94 38.84 4.43
C GLY D 137 -2.10 38.87 3.46
N GLU D 138 -2.57 40.08 3.14
CA GLU D 138 -3.73 40.25 2.27
C GLU D 138 -3.28 40.88 0.96
N GLU D 139 -3.96 40.60 -0.13
CA GLU D 139 -3.57 41.21 -1.39
C GLU D 139 -4.25 42.59 -1.57
N LEU D 140 -4.24 43.13 -2.77
CA LEU D 140 -4.65 44.51 -2.98
C LEU D 140 -6.14 44.63 -2.65
N ASP D 141 -6.86 43.60 -3.06
CA ASP D 141 -8.29 43.46 -2.91
C ASP D 141 -8.87 43.75 -1.52
N VAL D 142 -8.24 43.20 -0.48
CA VAL D 142 -8.73 43.44 0.87
C VAL D 142 -8.40 44.82 1.42
N ARG D 143 -7.21 45.33 1.12
CA ARG D 143 -6.87 46.61 1.72
C ARG D 143 -7.62 47.81 1.13
N GLU D 144 -7.92 47.79 -0.17
CA GLU D 144 -8.72 48.87 -0.73
C GLU D 144 -10.10 48.76 -0.11
N ALA D 145 -10.50 47.53 0.22
CA ALA D 145 -11.79 47.28 0.88
C ALA D 145 -11.70 47.68 2.35
N GLY D 146 -10.47 47.90 2.80
CA GLY D 146 -10.19 48.32 4.18
C GLY D 146 -10.28 47.27 5.27
N ASN D 147 -10.21 45.99 4.91
CA ASN D 147 -10.38 44.90 5.87
C ASN D 147 -9.10 44.11 6.20
N HIS D 148 -7.97 44.60 5.67
CA HIS D 148 -6.67 43.96 5.80
C HIS D 148 -6.35 43.41 7.17
N VAL D 149 -6.64 44.19 8.19
CA VAL D 149 -6.36 43.76 9.54
C VAL D 149 -7.07 42.43 9.86
N GLU D 150 -8.34 42.37 9.48
CA GLU D 150 -9.18 41.20 9.70
C GLU D 150 -8.83 40.01 8.78
N HIS D 151 -8.58 40.27 7.50
CA HIS D 151 -8.20 39.18 6.60
C HIS D 151 -6.87 38.55 7.02
N THR D 152 -5.87 39.40 7.22
CA THR D 152 -4.55 39.00 7.69
C THR D 152 -4.64 38.27 9.03
N LEU D 153 -5.53 38.71 9.93
CA LEU D 153 -5.71 38.05 11.22
C LEU D 153 -6.47 36.71 11.13
N ALA D 154 -7.37 36.62 10.16
CA ALA D 154 -8.06 35.35 9.92
C ALA D 154 -7.03 34.35 9.44
N GLN D 155 -6.14 34.79 8.56
CA GLN D 155 -5.09 33.93 8.08
C GLN D 155 -4.22 33.46 9.24
N VAL D 156 -3.94 34.37 10.16
CA VAL D 156 -3.16 34.07 11.37
C VAL D 156 -3.90 33.09 12.28
N GLU D 157 -5.19 33.34 12.51
CA GLU D 157 -5.97 32.43 13.38
C GLU D 157 -6.09 31.07 12.70
N GLY D 158 -6.30 31.12 11.38
CA GLY D 158 -6.35 29.94 10.54
C GLY D 158 -5.09 29.09 10.61
N GLY D 159 -3.91 29.72 10.50
CA GLY D 159 -2.65 29.00 10.55
C GLY D 159 -2.36 28.28 11.85
N LEU D 160 -2.79 28.85 12.97
CA LEU D 160 -2.46 28.27 14.29
C LEU D 160 -3.59 27.43 14.87
N LYS D 161 -4.57 27.03 14.05
CA LYS D 161 -5.71 26.26 14.55
C LYS D 161 -5.23 24.98 15.20
N ASP D 162 -5.71 24.75 16.43
CA ASP D 162 -5.36 23.58 17.24
C ASP D 162 -3.89 23.54 17.60
N LEU D 163 -3.20 24.68 17.52
CA LEU D 163 -1.81 24.73 17.95
C LEU D 163 -1.71 25.13 19.44
N ALA D 164 -1.10 24.27 20.26
CA ALA D 164 -0.99 24.55 21.69
C ALA D 164 -0.13 25.76 21.95
N ALA D 165 -0.36 26.43 23.08
CA ALA D 165 0.42 27.61 23.45
C ALA D 165 1.88 27.23 23.74
N GLU D 166 2.11 25.99 24.19
CA GLU D 166 3.45 25.57 24.58
C GLU D 166 4.35 25.59 23.36
N GLN D 167 3.72 25.33 22.21
CA GLN D 167 4.32 25.45 20.89
C GLN D 167 4.25 26.86 20.38
N ALA D 168 3.05 27.41 20.38
CA ALA D 168 2.77 28.72 19.78
C ALA D 168 3.67 29.82 20.33
N GLU D 169 4.21 29.57 21.52
CA GLU D 169 5.03 30.53 22.22
C GLU D 169 6.26 30.94 21.42
N SER D 170 6.74 30.03 20.56
CA SER D 170 7.98 30.18 19.79
C SER D 170 7.80 30.44 18.31
N VAL D 171 6.55 30.57 17.88
CA VAL D 171 6.24 30.75 16.48
C VAL D 171 6.73 32.11 15.97
N VAL D 172 6.98 32.19 14.66
CA VAL D 172 7.30 33.46 14.03
C VAL D 172 6.22 33.75 13.00
N ILE D 173 5.72 34.97 12.96
CA ILE D 173 4.75 35.32 11.92
C ILE D 173 5.41 36.29 10.97
N ALA D 174 5.32 36.05 9.68
CA ALA D 174 5.87 36.97 8.72
C ALA D 174 4.72 37.57 7.90
N TYR D 175 4.64 38.89 7.92
CA TYR D 175 3.59 39.57 7.19
C TYR D 175 4.04 39.95 5.78
N GLU D 176 3.33 39.42 4.80
CA GLU D 176 3.57 39.77 3.41
C GLU D 176 2.51 40.72 2.92
N PRO D 177 2.88 41.99 2.77
CA PRO D 177 1.92 42.89 2.15
C PRO D 177 1.97 42.61 0.67
N VAL D 178 1.27 41.55 0.27
CA VAL D 178 1.35 41.09 -1.10
C VAL D 178 0.77 42.11 -2.05
N TRP D 179 -0.07 43.00 -1.51
CA TRP D 179 -0.61 44.12 -2.28
C TRP D 179 0.47 45.11 -2.70
N ALA D 180 1.64 45.04 -2.07
CA ALA D 180 2.69 46.01 -2.30
C ALA D 180 4.03 45.42 -2.68
N ILE D 181 4.16 44.09 -2.63
CA ILE D 181 5.46 43.46 -2.89
C ILE D 181 5.97 43.63 -4.31
N GLY D 182 5.12 43.35 -5.30
CA GLY D 182 5.62 43.49 -6.66
C GLY D 182 5.24 44.75 -7.41
N THR D 183 4.55 45.66 -6.75
CA THR D 183 3.97 46.78 -7.48
C THR D 183 4.45 48.14 -6.96
N GLY D 184 4.30 49.16 -7.80
CA GLY D 184 4.71 50.52 -7.51
C GLY D 184 4.21 51.10 -6.19
N LYS D 185 3.34 50.32 -5.54
CA LYS D 185 2.74 50.65 -4.25
C LYS D 185 3.66 50.22 -3.11
N VAL D 186 3.86 51.11 -2.16
CA VAL D 186 4.77 50.83 -1.06
C VAL D 186 4.03 50.61 0.27
N CYS D 187 4.49 49.61 1.03
CA CYS D 187 4.00 49.46 2.39
C CYS D 187 5.01 50.08 3.31
N GLY D 188 4.70 51.27 3.77
CA GLY D 188 5.58 51.99 4.66
C GLY D 188 5.45 51.32 6.00
N ALA D 189 6.37 51.63 6.90
CA ALA D 189 6.32 51.11 8.25
C ALA D 189 5.03 51.58 8.95
N ASP D 190 4.50 52.70 8.47
CA ASP D 190 3.24 53.23 8.98
C ASP D 190 2.11 52.19 8.89
N ASP D 191 1.96 51.61 7.71
CA ASP D 191 0.99 50.56 7.42
C ASP D 191 1.34 49.22 8.06
N ALA D 192 2.62 48.84 7.96
CA ALA D 192 3.13 47.57 8.44
C ALA D 192 3.11 47.47 9.95
N GLN D 193 3.36 48.60 10.61
CA GLN D 193 3.31 48.65 12.07
C GLN D 193 1.90 48.32 12.53
N GLU D 194 0.92 48.86 11.81
CA GLU D 194 -0.49 48.66 12.14
C GLU D 194 -0.92 47.20 12.09
N VAL D 195 -0.55 46.52 11.01
CA VAL D 195 -0.85 45.11 10.85
C VAL D 195 -0.11 44.25 11.86
N CYS D 196 1.19 44.50 12.02
CA CYS D 196 2.00 43.70 12.92
C CYS D 196 1.51 43.91 14.35
N ALA D 197 0.86 45.06 14.57
CA ALA D 197 0.23 45.35 15.85
C ALA D 197 -0.99 44.46 16.08
N ALA D 198 -1.90 44.50 15.11
CA ALA D 198 -3.10 43.69 15.14
C ALA D 198 -2.78 42.25 15.39
N ILE D 199 -1.76 41.78 14.68
CA ILE D 199 -1.32 40.39 14.75
C ILE D 199 -0.95 39.99 16.18
N ARG D 200 -0.21 40.85 16.87
CA ARG D 200 0.13 40.58 18.26
C ARG D 200 -1.13 40.57 19.12
N GLY D 201 -2.12 41.36 18.72
CA GLY D 201 -3.41 41.37 19.41
C GLY D 201 -4.16 40.06 19.32
N LYS D 202 -4.16 39.44 18.14
CA LYS D 202 -4.84 38.16 17.99
C LYS D 202 -4.19 37.05 18.81
N LEU D 203 -2.87 37.01 18.80
CA LEU D 203 -2.14 36.01 19.55
C LEU D 203 -2.48 36.12 21.03
N ALA D 204 -2.66 37.35 21.49
CA ALA D 204 -3.04 37.60 22.87
C ALA D 204 -4.42 37.01 23.14
N GLU D 205 -5.36 37.28 22.24
CA GLU D 205 -6.69 36.70 22.33
C GLU D 205 -6.70 35.17 22.28
N LEU D 206 -6.01 34.63 21.29
CA LEU D 206 -5.93 33.17 21.10
C LEU D 206 -5.14 32.49 22.22
N TYR D 207 -4.17 33.21 22.78
CA TYR D 207 -3.30 32.62 23.79
C TYR D 207 -3.19 33.46 25.06
N SER D 208 -2.14 34.27 25.12
CA SER D 208 -1.85 35.14 26.24
C SER D 208 -1.07 36.33 25.71
N GLN D 209 -1.19 37.49 26.38
CA GLN D 209 -0.36 38.64 26.02
C GLN D 209 1.07 38.29 26.41
N GLU D 210 1.17 37.49 27.47
CA GLU D 210 2.44 36.96 27.98
C GLU D 210 3.04 36.13 26.86
N LEU D 211 2.18 35.47 26.10
CA LEU D 211 2.65 34.73 24.94
C LEU D 211 2.85 35.69 23.75
N ALA D 212 1.85 36.51 23.49
CA ALA D 212 1.87 37.39 22.34
C ALA D 212 3.09 38.31 22.26
N ASP D 213 3.65 38.64 23.41
CA ASP D 213 4.79 39.57 23.45
C ASP D 213 6.19 38.88 23.33
N LYS D 214 6.21 37.54 23.31
CA LYS D 214 7.45 36.79 23.13
C LYS D 214 7.59 36.43 21.65
N VAL D 215 6.50 36.55 20.91
CA VAL D 215 6.43 36.12 19.52
C VAL D 215 6.97 37.18 18.58
N ARG D 216 7.94 36.82 17.75
CA ARG D 216 8.51 37.77 16.80
C ARG D 216 7.61 37.92 15.56
N ILE D 217 7.27 39.15 15.21
CA ILE D 217 6.54 39.39 13.99
C ILE D 217 7.44 40.17 13.01
N GLN D 218 7.78 39.50 11.92
CA GLN D 218 8.68 40.03 10.91
C GLN D 218 7.88 40.80 9.89
N TYR D 219 8.54 41.74 9.22
CA TYR D 219 7.97 42.38 8.07
C TYR D 219 8.50 41.60 6.86
N GLY D 220 7.60 41.25 5.94
CA GLY D 220 7.96 40.43 4.81
C GLY D 220 7.82 41.10 3.46
N GLY D 221 7.67 42.43 3.42
CA GLY D 221 7.62 43.12 2.14
C GLY D 221 9.02 43.19 1.56
N SER D 222 9.17 43.93 0.46
CA SER D 222 10.50 44.09 -0.14
C SER D 222 11.40 44.90 0.77
N VAL D 223 12.43 44.28 1.32
CA VAL D 223 13.30 44.92 2.29
C VAL D 223 14.77 45.16 1.86
N LYS D 224 15.17 46.42 1.95
CA LYS D 224 16.47 46.92 1.60
C LYS D 224 17.16 47.66 2.77
N SER D 225 18.41 48.07 2.57
CA SER D 225 19.12 48.90 3.55
C SER D 225 18.36 50.23 3.81
N GLY D 226 17.75 50.79 2.77
CA GLY D 226 17.01 52.04 2.90
C GLY D 226 15.77 52.06 3.79
N ASN D 227 14.96 51.02 3.74
CA ASN D 227 13.75 50.90 4.53
C ASN D 227 13.97 50.25 5.89
N VAL D 228 15.01 49.42 6.01
CA VAL D 228 15.19 48.53 7.18
C VAL D 228 15.25 49.41 8.45
N ALA D 229 15.69 50.66 8.28
CA ALA D 229 15.78 51.59 9.38
C ALA D 229 14.36 51.92 9.87
N GLU D 230 13.55 52.47 8.97
CA GLU D 230 12.20 52.88 9.34
C GLU D 230 11.32 51.70 9.77
N ILE D 231 11.40 50.61 9.02
CA ILE D 231 10.64 49.40 9.34
C ILE D 231 10.99 48.85 10.72
N MET D 232 12.27 48.61 10.95
CA MET D 232 12.67 48.08 12.24
C MET D 232 12.47 49.15 13.31
N ALA D 233 12.59 48.75 14.58
CA ALA D 233 12.39 49.64 15.71
C ALA D 233 10.95 50.20 15.79
N LYS D 234 10.12 49.88 14.78
CA LYS D 234 8.68 49.99 14.96
C LYS D 234 8.47 48.93 16.01
N PRO D 235 7.73 49.27 17.07
CA PRO D 235 7.73 48.49 18.32
C PRO D 235 7.21 47.05 18.20
N ASP D 236 6.44 46.75 17.15
CA ASP D 236 5.85 45.42 17.01
C ASP D 236 6.41 44.70 15.77
N ILE D 237 7.41 45.34 15.16
CA ILE D 237 8.18 44.67 14.12
C ILE D 237 9.49 44.12 14.70
N ASP D 238 9.63 42.81 14.63
CA ASP D 238 10.73 42.10 15.26
C ASP D 238 11.67 41.41 14.30
N GLY D 239 11.74 41.90 13.07
CA GLY D 239 12.59 41.26 12.09
C GLY D 239 12.09 41.36 10.66
N ALA D 240 12.75 40.67 9.75
CA ALA D 240 12.40 40.75 8.35
C ALA D 240 12.61 39.40 7.65
N LEU D 241 11.63 39.02 6.84
CA LEU D 241 11.79 37.84 6.02
C LEU D 241 12.30 38.39 4.73
N VAL D 242 13.62 38.34 4.53
CA VAL D 242 14.27 39.02 3.40
C VAL D 242 14.19 38.19 2.13
N GLY D 243 13.72 38.84 1.06
CA GLY D 243 13.66 38.30 -0.28
C GLY D 243 14.93 38.51 -1.09
N GLY D 244 14.80 39.25 -2.19
CA GLY D 244 15.87 39.42 -3.15
C GLY D 244 17.17 39.85 -2.50
N ALA D 245 17.06 40.70 -1.48
CA ALA D 245 18.23 41.25 -0.80
C ALA D 245 18.99 40.20 0.00
N SER D 246 18.34 39.06 0.25
CA SER D 246 19.00 37.96 0.99
C SER D 246 20.08 37.28 0.15
N LEU D 247 19.96 37.46 -1.17
CA LEU D 247 20.90 36.92 -2.15
C LEU D 247 22.11 37.82 -2.34
N ASP D 248 21.99 39.07 -1.91
CA ASP D 248 23.10 40.02 -2.02
C ASP D 248 23.77 40.20 -0.65
N SER D 249 24.98 39.68 -0.50
CA SER D 249 25.66 39.65 0.80
C SER D 249 25.79 41.02 1.46
N ASP D 250 26.26 42.00 0.71
CA ASP D 250 26.45 43.34 1.26
C ASP D 250 25.11 43.88 1.72
N GLU D 251 24.07 43.64 0.94
CA GLU D 251 22.76 44.14 1.26
C GLU D 251 22.10 43.41 2.43
N PHE D 252 22.35 42.10 2.55
CA PHE D 252 21.81 41.33 3.68
C PHE D 252 22.50 41.65 5.02
N VAL D 253 23.83 41.74 5.00
CA VAL D 253 24.59 42.10 6.18
C VAL D 253 24.20 43.48 6.74
N LYS D 254 24.01 44.44 5.85
CA LYS D 254 23.52 45.74 6.26
C LYS D 254 22.19 45.60 6.95
N ILE D 255 21.35 44.72 6.41
CA ILE D 255 20.00 44.53 6.94
C ILE D 255 20.08 43.96 8.33
N VAL D 256 20.98 43.01 8.52
CA VAL D 256 21.24 42.43 9.85
C VAL D 256 21.67 43.56 10.81
N ARG D 257 22.26 44.61 10.23
CA ARG D 257 22.62 45.81 10.97
C ARG D 257 21.64 46.95 10.70
N PHE D 258 20.37 46.74 11.04
CA PHE D 258 19.33 47.73 10.79
C PHE D 258 19.54 49.04 11.59
N ARG D 259 20.34 48.93 12.65
CA ARG D 259 20.77 50.06 13.49
C ARG D 259 21.70 51.01 12.68
N ASP D 260 21.96 50.64 11.43
CA ASP D 260 22.85 51.38 10.54
C ASP D 260 24.24 51.32 11.13
#